data_8ZLO
#
_entry.id   8ZLO
#
loop_
_entity.id
_entity.type
_entity.pdbx_description
1 polymer Alpha-synuclein
2 non-polymer 2-bromanyl-4-[(~{E})-2-[6-[2-(2-fluoranylethoxy)ethyl-methyl-amino]-5-methyl-1,3-benzothiazol-2-yl]ethenyl]phenol
#
_entity_poly.entity_id   1
_entity_poly.type   'polypeptide(L)'
_entity_poly.pdbx_seq_one_letter_code
;KKGVVHGVATVAEKTKEQVTNVGGAVVTGVTAVAQKTVEGAGSIAAATGFVKKDQ
;
_entity_poly.pdbx_strand_id   A,B,C,D,E,F,G,H,I,J,O,T
#
# COMPACT_ATOMS: atom_id res chain seq x y z
N LYS A 1 -37.02 24.43 14.77
CA LYS A 1 -35.71 25.00 14.50
C LYS A 1 -35.75 25.86 13.25
N LYS A 2 -34.69 26.65 13.05
CA LYS A 2 -34.62 27.57 11.94
C LYS A 2 -33.20 27.57 11.38
N GLY A 3 -33.09 27.61 10.06
CA GLY A 3 -31.81 27.67 9.41
C GLY A 3 -31.86 28.40 8.08
N VAL A 4 -30.91 29.28 7.84
CA VAL A 4 -30.78 29.98 6.57
C VAL A 4 -29.32 29.86 6.13
N VAL A 5 -29.09 29.34 4.93
CA VAL A 5 -27.71 29.15 4.47
C VAL A 5 -27.57 29.89 3.14
N HIS A 6 -26.32 30.24 2.81
CA HIS A 6 -25.98 30.65 1.46
C HIS A 6 -25.40 29.49 0.64
N GLY A 7 -24.91 28.47 1.30
CA GLY A 7 -24.30 27.42 0.54
C GLY A 7 -22.83 27.67 0.30
N VAL A 8 -22.03 26.62 0.45
CA VAL A 8 -22.55 25.28 0.60
C VAL A 8 -22.55 24.84 2.07
N ALA A 9 -23.71 24.50 2.60
CA ALA A 9 -23.75 24.00 3.96
C ALA A 9 -23.88 22.48 3.97
N THR A 10 -23.81 21.92 5.18
CA THR A 10 -24.17 20.52 5.41
C THR A 10 -24.56 20.41 6.88
N VAL A 11 -25.85 20.42 7.17
CA VAL A 11 -26.33 20.56 8.53
C VAL A 11 -27.04 19.28 8.90
N ALA A 12 -26.86 18.80 10.13
CA ALA A 12 -27.29 17.45 10.45
C ALA A 12 -27.37 17.26 11.94
N GLU A 13 -27.78 16.04 12.33
CA GLU A 13 -27.68 15.54 13.68
C GLU A 13 -27.50 14.04 13.61
N LYS A 14 -26.78 13.47 14.59
CA LYS A 14 -26.60 12.03 14.78
C LYS A 14 -25.95 11.38 13.55
N THR A 15 -24.92 12.01 13.02
CA THR A 15 -24.48 11.76 11.68
C THR A 15 -23.11 11.13 11.61
N LYS A 16 -22.97 9.97 10.99
CA LYS A 16 -21.69 9.29 11.11
C LYS A 16 -20.60 9.93 10.26
N GLU A 17 -20.89 10.34 9.02
CA GLU A 17 -19.85 10.94 8.21
C GLU A 17 -20.38 12.20 7.53
N GLN A 18 -19.48 13.16 7.30
CA GLN A 18 -19.80 14.43 6.67
C GLN A 18 -18.64 14.91 5.84
N VAL A 19 -18.92 15.38 4.64
CA VAL A 19 -17.93 15.99 3.77
C VAL A 19 -18.57 17.22 3.15
N THR A 20 -17.86 18.34 3.17
CA THR A 20 -18.25 19.53 2.45
C THR A 20 -17.10 19.93 1.57
N ASN A 21 -17.36 20.16 0.31
CA ASN A 21 -16.27 20.47 -0.59
C ASN A 21 -16.69 21.60 -1.50
N VAL A 22 -15.75 22.49 -1.79
CA VAL A 22 -15.78 23.42 -2.90
C VAL A 22 -14.37 23.40 -3.42
N GLY A 23 -14.13 22.89 -4.62
CA GLY A 23 -12.75 22.87 -5.08
C GLY A 23 -12.47 22.02 -6.29
N GLY A 24 -11.45 21.17 -6.21
CA GLY A 24 -10.93 20.61 -4.97
C GLY A 24 -11.24 19.14 -4.78
N ALA A 25 -10.55 18.50 -3.84
CA ALA A 25 -10.67 17.06 -3.66
C ALA A 25 -10.74 16.72 -2.18
N VAL A 26 -11.52 15.69 -1.88
CA VAL A 26 -11.62 15.13 -0.54
C VAL A 26 -11.67 13.62 -0.67
N VAL A 27 -10.76 12.93 0.00
CA VAL A 27 -10.72 11.47 -0.01
C VAL A 27 -10.85 11.01 1.43
N THR A 28 -11.92 10.32 1.73
CA THR A 28 -12.18 9.86 3.08
C THR A 28 -12.45 8.37 3.11
N GLY A 29 -12.52 7.72 1.97
CA GLY A 29 -12.92 6.34 1.90
C GLY A 29 -11.79 5.39 1.62
N VAL A 30 -12.07 4.14 1.94
CA VAL A 30 -11.11 3.05 1.76
C VAL A 30 -10.86 2.85 0.27
N THR A 31 -9.61 2.70 -0.11
CA THR A 31 -9.27 2.65 -1.52
C THR A 31 -8.03 1.81 -1.71
N ALA A 32 -8.09 0.82 -2.58
CA ALA A 32 -6.96 -0.05 -2.83
C ALA A 32 -6.73 -0.10 -4.32
N VAL A 33 -5.55 0.27 -4.76
CA VAL A 33 -5.21 0.17 -6.17
C VAL A 33 -4.00 -0.72 -6.27
N ALA A 34 -4.09 -1.77 -7.03
CA ALA A 34 -2.96 -2.62 -7.32
C ALA A 34 -2.76 -2.62 -8.81
N GLN A 35 -1.54 -2.43 -9.26
CA GLN A 35 -1.36 -2.14 -10.66
C GLN A 35 0.01 -2.62 -11.08
N LYS A 36 0.14 -3.05 -12.34
CA LYS A 36 1.34 -3.74 -12.78
C LYS A 36 2.09 -3.03 -13.89
N THR A 37 1.40 -2.34 -14.79
CA THR A 37 2.09 -1.64 -15.86
C THR A 37 1.17 -0.59 -16.44
N VAL A 38 1.66 0.65 -16.55
CA VAL A 38 0.92 1.74 -17.15
C VAL A 38 1.78 2.30 -18.27
N GLU A 39 1.20 2.41 -19.46
CA GLU A 39 1.90 2.94 -20.61
C GLU A 39 0.97 3.91 -21.32
N GLY A 40 1.39 4.40 -22.48
CA GLY A 40 0.54 5.22 -23.30
C GLY A 40 0.60 6.69 -22.91
N ALA A 41 0.25 7.55 -23.86
CA ALA A 41 0.45 8.98 -23.70
C ALA A 41 -0.75 9.74 -24.25
N GLY A 42 -1.71 10.04 -23.38
CA GLY A 42 -1.67 9.74 -21.96
C GLY A 42 -2.99 9.25 -21.45
N SER A 43 -2.97 8.13 -20.77
CA SER A 43 -4.17 7.38 -20.43
C SER A 43 -4.43 7.44 -18.94
N ILE A 44 -5.63 7.85 -18.56
CA ILE A 44 -6.02 7.86 -17.16
C ILE A 44 -6.24 6.39 -16.83
N ALA A 45 -5.31 5.80 -16.09
CA ALA A 45 -5.35 4.38 -15.77
C ALA A 45 -6.48 4.04 -14.82
N ALA A 46 -6.36 4.43 -13.56
CA ALA A 46 -7.39 4.12 -12.57
C ALA A 46 -7.79 5.39 -11.83
N ALA A 47 -8.91 5.98 -12.23
CA ALA A 47 -9.39 7.19 -11.61
C ALA A 47 -10.64 6.93 -10.78
N THR A 48 -10.66 7.36 -9.54
CA THR A 48 -11.85 7.14 -8.74
C THR A 48 -12.76 8.36 -8.73
N GLY A 49 -12.29 9.49 -8.23
CA GLY A 49 -13.05 10.71 -8.29
C GLY A 49 -12.22 11.72 -9.04
N PHE A 50 -12.73 12.24 -10.14
CA PHE A 50 -11.84 12.85 -11.09
C PHE A 50 -12.61 13.98 -11.77
N VAL A 51 -11.90 15.05 -12.09
CA VAL A 51 -12.47 16.22 -12.74
C VAL A 51 -11.36 16.88 -13.55
N LYS A 52 -11.56 17.00 -14.85
CA LYS A 52 -10.58 17.61 -15.72
C LYS A 52 -11.21 18.72 -16.57
N LYS A 53 -10.87 19.96 -16.25
CA LYS A 53 -11.42 21.11 -16.98
C LYS A 53 -10.32 21.97 -17.59
N ASP A 54 -9.43 21.36 -18.37
CA ASP A 54 -8.35 22.07 -19.01
C ASP A 54 -8.90 23.11 -19.99
N GLN A 55 -8.23 24.25 -20.07
CA GLN A 55 -8.66 25.32 -20.97
C GLN A 55 -7.59 25.62 -22.02
N LYS B 1 -40.68 23.50 11.51
CA LYS B 1 -39.35 24.05 11.26
C LYS B 1 -39.37 24.90 9.99
N LYS B 2 -38.29 25.65 9.79
CA LYS B 2 -38.20 26.56 8.65
C LYS B 2 -36.78 26.52 8.10
N GLY B 3 -36.67 26.54 6.78
CA GLY B 3 -35.37 26.57 6.14
C GLY B 3 -35.40 27.26 4.80
N VAL B 4 -34.43 28.12 4.55
CA VAL B 4 -34.27 28.79 3.26
C VAL B 4 -32.83 28.64 2.84
N VAL B 5 -32.58 28.09 1.66
CA VAL B 5 -31.21 27.88 1.20
C VAL B 5 -31.03 28.58 -0.13
N HIS B 6 -29.79 28.91 -0.46
CA HIS B 6 -29.43 29.28 -1.82
C HIS B 6 -28.86 28.11 -2.59
N GLY B 7 -28.39 27.09 -1.91
CA GLY B 7 -27.78 26.01 -2.65
C GLY B 7 -26.30 26.25 -2.88
N VAL B 8 -25.53 25.18 -2.69
CA VAL B 8 -26.05 23.85 -2.52
C VAL B 8 -26.08 23.45 -1.04
N ALA B 9 -27.25 23.13 -0.52
CA ALA B 9 -27.32 22.66 0.86
C ALA B 9 -27.46 21.15 0.90
N THR B 10 -27.41 20.61 2.11
CA THR B 10 -27.80 19.22 2.38
C THR B 10 -28.19 19.16 3.85
N VAL B 11 -29.48 19.18 4.13
CA VAL B 11 -29.98 19.36 5.47
C VAL B 11 -30.72 18.09 5.86
N ALA B 12 -30.55 17.65 7.10
CA ALA B 12 -31.00 16.30 7.45
C ALA B 12 -31.10 16.15 8.96
N GLU B 13 -31.52 14.95 9.35
CA GLU B 13 -31.46 14.47 10.72
C GLU B 13 -31.29 12.96 10.68
N LYS B 14 -30.58 12.42 11.68
CA LYS B 14 -30.42 10.97 11.90
C LYS B 14 -29.77 10.28 10.70
N THR B 15 -28.73 10.90 10.18
CA THR B 15 -28.28 10.60 8.83
C THR B 15 -26.91 9.96 8.79
N LYS B 16 -26.79 8.79 8.19
CA LYS B 16 -25.51 8.09 8.35
C LYS B 16 -24.42 8.70 7.48
N GLU B 17 -24.69 9.09 6.24
CA GLU B 17 -23.62 9.65 5.42
C GLU B 17 -24.13 10.90 4.72
N GLN B 18 -23.22 11.85 4.47
CA GLN B 18 -23.52 13.10 3.81
C GLN B 18 -22.34 13.55 2.98
N VAL B 19 -22.60 14.00 1.77
CA VAL B 19 -21.59 14.58 0.89
C VAL B 19 -22.21 15.80 0.25
N THR B 20 -21.49 16.91 0.25
CA THR B 20 -21.86 18.10 -0.50
C THR B 20 -20.70 18.46 -1.38
N ASN B 21 -20.95 18.67 -2.66
CA ASN B 21 -19.83 18.94 -3.54
C ASN B 21 -20.24 20.05 -4.48
N VAL B 22 -19.28 20.92 -4.77
CA VAL B 22 -19.28 21.83 -5.91
C VAL B 22 -17.87 21.79 -6.42
N GLY B 23 -17.62 21.23 -7.60
CA GLY B 23 -16.24 21.20 -8.05
C GLY B 23 -15.96 20.32 -9.24
N GLY B 24 -14.96 19.45 -9.13
CA GLY B 24 -14.45 18.91 -7.87
C GLY B 24 -14.79 17.45 -7.65
N ALA B 25 -14.11 16.82 -6.69
CA ALA B 25 -14.25 15.39 -6.48
C ALA B 25 -14.34 15.08 -5.00
N VAL B 26 -15.14 14.07 -4.68
CA VAL B 26 -15.26 13.54 -3.33
C VAL B 26 -15.33 12.04 -3.43
N VAL B 27 -14.43 11.34 -2.74
CA VAL B 27 -14.42 9.89 -2.71
C VAL B 27 -14.56 9.45 -1.27
N THR B 28 -15.65 8.79 -0.96
CA THR B 28 -15.92 8.37 0.39
C THR B 28 -16.21 6.88 0.45
N GLY B 29 -16.28 6.21 -0.68
CA GLY B 29 -16.70 4.83 -0.72
C GLY B 29 -15.58 3.86 -0.96
N VAL B 30 -15.87 2.60 -0.62
CA VAL B 30 -14.93 1.51 -0.76
C VAL B 30 -14.68 1.27 -2.24
N THR B 31 -13.42 1.10 -2.61
CA THR B 31 -13.07 1.01 -4.02
C THR B 31 -11.84 0.14 -4.17
N ALA B 32 -11.91 -0.86 -5.03
CA ALA B 32 -10.78 -1.74 -5.25
C ALA B 32 -10.54 -1.84 -6.73
N VAL B 33 -9.35 -1.48 -7.17
CA VAL B 33 -8.99 -1.62 -8.57
C VAL B 33 -7.79 -2.52 -8.64
N ALA B 34 -7.90 -3.60 -9.37
CA ALA B 34 -6.76 -4.47 -9.63
C ALA B 34 -6.56 -4.50 -11.13
N GLN B 35 -5.34 -4.35 -11.57
CA GLN B 35 -5.13 -4.08 -12.97
C GLN B 35 -3.76 -4.59 -13.37
N LYS B 36 -3.63 -5.05 -14.61
CA LYS B 36 -2.43 -5.77 -15.02
C LYS B 36 -1.67 -5.09 -16.14
N THR B 37 -2.33 -4.41 -17.06
CA THR B 37 -1.62 -3.74 -18.15
C THR B 37 -2.52 -2.69 -18.75
N VAL B 38 -2.02 -1.46 -18.88
CA VAL B 38 -2.75 -0.38 -19.53
C VAL B 38 -1.87 0.15 -20.64
N GLU B 39 -2.43 0.25 -21.84
CA GLU B 39 -1.71 0.74 -23.00
C GLU B 39 -2.63 1.69 -23.74
N GLY B 40 -2.18 2.16 -24.89
CA GLY B 40 -3.02 2.98 -25.75
C GLY B 40 -2.94 4.45 -25.39
N ALA B 41 -3.27 5.29 -26.37
CA ALA B 41 -3.04 6.73 -26.24
C ALA B 41 -4.24 7.49 -26.81
N GLY B 42 -5.21 7.83 -25.96
CA GLY B 42 -5.17 7.55 -24.53
C GLY B 42 -6.51 7.09 -24.02
N SER B 43 -6.50 5.97 -23.32
CA SER B 43 -7.72 5.26 -22.96
C SER B 43 -7.99 5.36 -21.48
N ILE B 44 -9.20 5.79 -21.13
CA ILE B 44 -9.59 5.84 -19.73
C ILE B 44 -9.83 4.38 -19.38
N ALA B 45 -8.92 3.80 -18.61
CA ALA B 45 -8.98 2.38 -18.26
C ALA B 45 -10.14 2.07 -17.31
N ALA B 46 -10.02 2.49 -16.06
CA ALA B 46 -11.05 2.22 -15.08
C ALA B 46 -11.45 3.51 -14.36
N ALA B 47 -12.57 4.10 -14.79
CA ALA B 47 -13.03 5.34 -14.19
C ALA B 47 -14.29 5.10 -13.39
N THR B 48 -14.32 5.56 -12.14
CA THR B 48 -15.53 5.38 -11.36
C THR B 48 -16.42 6.61 -11.38
N GLY B 49 -15.92 7.73 -10.90
CA GLY B 49 -16.67 8.97 -10.99
C GLY B 49 -15.83 9.95 -11.76
N PHE B 50 -16.32 10.46 -12.88
CA PHE B 50 -15.41 11.03 -13.83
C PHE B 50 -16.15 12.15 -14.54
N VAL B 51 -15.43 13.21 -14.88
CA VAL B 51 -15.97 14.37 -15.56
C VAL B 51 -14.85 15.00 -16.38
N LYS B 52 -15.04 15.09 -17.69
CA LYS B 52 -14.04 15.68 -18.56
C LYS B 52 -14.65 16.77 -19.42
N LYS B 53 -14.29 18.01 -19.14
CA LYS B 53 -14.82 19.15 -19.89
C LYS B 53 -13.71 19.99 -20.51
N ASP B 54 -12.82 19.34 -21.26
CA ASP B 54 -11.73 20.04 -21.92
C ASP B 54 -12.25 21.05 -22.92
N GLN B 55 -11.56 22.19 -23.02
CA GLN B 55 -11.96 23.23 -23.95
C GLN B 55 -10.89 23.51 -24.99
N LYS C 1 17.22 -32.85 -27.20
CA LYS C 1 17.68 -32.63 -25.84
C LYS C 1 17.20 -33.75 -24.94
N LYS C 2 17.78 -33.82 -23.74
CA LYS C 2 17.46 -34.88 -22.80
C LYS C 2 17.40 -34.29 -21.40
N GLY C 3 16.43 -34.74 -20.61
CA GLY C 3 16.30 -34.31 -19.24
C GLY C 3 15.67 -35.35 -18.35
N VAL C 4 16.25 -35.57 -17.18
CA VAL C 4 15.68 -36.47 -16.17
C VAL C 4 15.67 -35.73 -14.85
N VAL C 5 14.50 -35.64 -14.21
CA VAL C 5 14.40 -34.91 -12.96
C VAL C 5 13.83 -35.85 -11.91
N HIS C 6 14.10 -35.54 -10.64
CA HIS C 6 13.38 -36.15 -9.53
C HIS C 6 12.26 -35.25 -9.05
N GLY C 7 12.31 -33.98 -9.35
CA GLY C 7 11.28 -33.12 -8.82
C GLY C 7 11.63 -32.57 -7.46
N VAL C 8 11.36 -31.29 -7.26
CA VAL C 8 10.58 -30.52 -8.19
C VAL C 8 11.47 -29.66 -9.11
N ALA C 9 11.37 -29.86 -10.41
CA ALA C 9 12.14 -29.02 -11.32
C ALA C 9 11.24 -27.95 -11.92
N THR C 10 11.88 -27.06 -12.69
CA THR C 10 11.17 -26.12 -13.56
C THR C 10 12.14 -25.74 -14.66
N VAL C 11 12.02 -26.34 -15.83
CA VAL C 11 13.04 -26.24 -16.86
C VAL C 11 12.39 -25.54 -18.05
N ALA C 12 13.13 -24.64 -18.69
CA ALA C 12 12.49 -23.76 -19.65
C ALA C 12 13.52 -23.11 -20.57
N GLU C 13 13.02 -22.29 -21.49
CA GLU C 13 13.81 -21.38 -22.28
C GLU C 13 12.94 -20.17 -22.61
N LYS C 14 13.58 -19.00 -22.73
CA LYS C 14 12.94 -17.74 -23.17
C LYS C 14 11.80 -17.33 -22.24
N THR C 15 12.04 -17.44 -20.95
CA THR C 15 10.95 -17.47 -19.98
C THR C 15 10.92 -16.27 -19.09
N LYS C 16 9.81 -15.55 -19.05
CA LYS C 16 9.85 -14.28 -18.34
C LYS C 16 9.85 -14.46 -16.82
N GLU C 17 9.05 -15.37 -16.27
CA GLU C 17 9.04 -15.54 -14.82
C GLU C 17 9.08 -17.02 -14.46
N GLN C 18 9.70 -17.32 -13.32
CA GLN C 18 9.84 -18.68 -12.82
C GLN C 18 9.78 -18.69 -11.32
N VAL C 19 9.04 -19.64 -10.76
CA VAL C 19 8.98 -19.85 -9.32
C VAL C 19 9.03 -21.35 -9.09
N THR C 20 9.88 -21.78 -8.16
CA THR C 20 9.89 -23.15 -7.71
C THR C 20 9.74 -23.13 -6.21
N ASN C 21 8.83 -23.91 -5.68
CA ASN C 21 8.59 -23.85 -4.25
C ASN C 21 8.41 -25.25 -3.74
N VAL C 22 8.95 -25.50 -2.54
CA VAL C 22 8.62 -26.61 -1.68
C VAL C 22 8.57 -26.01 -0.31
N GLY C 23 7.42 -25.92 0.33
CA GLY C 23 7.42 -25.31 1.65
C GLY C 23 6.07 -24.94 2.21
N GLY C 24 5.91 -23.70 2.68
CA GLY C 24 6.70 -22.55 2.27
C GLY C 24 5.93 -21.56 1.43
N ALA C 25 6.48 -20.36 1.27
CA ALA C 25 5.77 -19.28 0.60
C ALA C 25 6.70 -18.52 -0.33
N VAL C 26 6.14 -18.09 -1.45
CA VAL C 26 6.83 -17.25 -2.41
C VAL C 26 5.86 -16.19 -2.89
N VAL C 27 6.23 -14.92 -2.75
CA VAL C 27 5.41 -13.81 -3.21
C VAL C 27 6.22 -13.02 -4.20
N THR C 28 5.77 -12.99 -5.45
CA THR C 28 6.49 -12.30 -6.49
C THR C 28 5.59 -11.33 -7.22
N GLY C 29 4.32 -11.29 -6.90
CA GLY C 29 3.37 -10.50 -7.65
C GLY C 29 2.91 -9.26 -6.93
N VAL C 30 2.37 -8.35 -7.74
CA VAL C 30 1.88 -7.08 -7.26
C VAL C 30 0.67 -7.32 -6.36
N THR C 31 0.63 -6.64 -5.23
CA THR C 31 -0.41 -6.93 -4.24
C THR C 31 -0.70 -5.67 -3.45
N ALA C 32 -1.96 -5.28 -3.38
CA ALA C 32 -2.35 -4.09 -2.65
C ALA C 32 -3.47 -4.46 -1.72
N VAL C 33 -3.29 -4.24 -0.44
CA VAL C 33 -4.35 -4.48 0.52
C VAL C 33 -4.60 -3.17 1.23
N ALA C 34 -5.82 -2.70 1.20
CA ALA C 34 -6.22 -1.54 1.96
C ALA C 34 -7.33 -1.97 2.88
N GLN C 35 -7.25 -1.59 4.14
CA GLN C 35 -8.12 -2.21 5.11
C GLN C 35 -8.35 -1.24 6.25
N LYS C 36 -9.54 -1.29 6.85
CA LYS C 36 -9.94 -0.27 7.79
C LYS C 36 -10.21 -0.78 9.19
N THR C 37 -10.69 -2.00 9.35
CA THR C 37 -10.95 -2.53 10.68
C THR C 37 -11.04 -4.03 10.62
N VAL C 38 -10.29 -4.74 11.46
CA VAL C 38 -10.34 -6.18 11.57
C VAL C 38 -10.66 -6.53 13.00
N GLU C 39 -11.67 -7.36 13.20
CA GLU C 39 -12.07 -7.78 14.53
C GLU C 39 -12.33 -9.28 14.48
N GLY C 40 -12.83 -9.82 15.59
CA GLY C 40 -13.23 -11.21 15.62
C GLY C 40 -12.07 -12.14 15.95
N ALA C 41 -12.42 -13.32 16.46
CA ALA C 41 -11.43 -14.22 17.02
C ALA C 41 -11.73 -15.66 16.61
N GLY C 42 -11.14 -16.11 15.50
CA GLY C 42 -10.21 -15.34 14.70
C GLY C 42 -10.44 -15.53 13.24
N SER C 43 -10.55 -14.43 12.52
CA SER C 43 -11.03 -14.42 11.15
C SER C 43 -9.91 -14.07 10.19
N ILE C 44 -9.70 -14.91 9.19
CA ILE C 44 -8.70 -14.63 8.16
C ILE C 44 -9.36 -13.54 7.33
N ALA C 45 -8.87 -12.31 7.48
CA ALA C 45 -9.43 -11.16 6.81
C ALA C 45 -9.20 -11.18 5.30
N ALA C 46 -7.96 -10.96 4.88
CA ALA C 46 -7.65 -10.95 3.45
C ALA C 46 -6.46 -11.86 3.18
N ALA C 47 -6.73 -13.07 2.70
CA ALA C 47 -5.68 -14.02 2.41
C ALA C 47 -5.54 -14.22 0.91
N THR C 48 -4.33 -14.11 0.39
CA THR C 48 -4.15 -14.33 -1.04
C THR C 48 -3.69 -15.73 -1.34
N GLY C 49 -2.53 -16.13 -0.86
CA GLY C 49 -2.08 -17.50 -1.01
C GLY C 49 -1.87 -18.07 0.37
N PHE C 50 -2.57 -19.14 0.71
CA PHE C 50 -2.72 -19.44 2.11
C PHE C 50 -2.80 -20.94 2.24
N VAL C 51 -2.26 -21.47 3.32
CA VAL C 51 -2.25 -22.90 3.61
C VAL C 51 -2.20 -23.08 5.12
N LYS C 52 -3.21 -23.74 5.67
CA LYS C 52 -3.26 -23.96 7.11
C LYS C 52 -3.45 -25.45 7.42
N LYS C 53 -2.41 -26.09 7.94
CA LYS C 53 -2.47 -27.50 8.27
C LYS C 53 -2.15 -27.76 9.73
N ASP C 54 -2.88 -27.09 10.62
CA ASP C 54 -2.67 -27.26 12.05
C ASP C 54 -3.00 -28.68 12.48
N GLN C 55 -2.23 -29.20 13.43
CA GLN C 55 -2.43 -30.56 13.92
C GLN C 55 -2.78 -30.58 15.40
N LYS D 1 13.19 -35.35 -28.70
CA LYS D 1 13.65 -35.11 -27.35
C LYS D 1 13.14 -36.21 -26.42
N LYS D 2 13.70 -36.27 -25.23
CA LYS D 2 13.35 -37.29 -24.25
C LYS D 2 13.29 -36.67 -22.87
N GLY D 3 12.31 -37.09 -22.08
CA GLY D 3 12.17 -36.62 -20.73
C GLY D 3 11.53 -37.64 -19.82
N VAL D 4 12.09 -37.84 -18.64
CA VAL D 4 11.50 -38.71 -17.62
C VAL D 4 11.48 -37.94 -16.31
N VAL D 5 10.31 -37.82 -15.69
CA VAL D 5 10.22 -37.07 -14.46
C VAL D 5 9.61 -37.98 -13.38
N HIS D 6 9.88 -37.64 -12.13
CA HIS D 6 9.14 -38.21 -11.02
C HIS D 6 8.02 -37.29 -10.55
N GLY D 7 8.10 -36.02 -10.88
CA GLY D 7 7.07 -35.15 -10.38
C GLY D 7 7.42 -34.58 -9.03
N VAL D 8 7.18 -33.28 -8.87
CA VAL D 8 6.39 -32.51 -9.82
C VAL D 8 7.31 -31.70 -10.74
N ALA D 9 7.22 -31.92 -12.04
CA ALA D 9 8.01 -31.11 -12.96
C ALA D 9 7.14 -30.05 -13.60
N THR D 10 7.78 -29.17 -14.37
CA THR D 10 7.10 -28.26 -15.28
C THR D 10 8.10 -27.90 -16.38
N VAL D 11 7.98 -28.54 -17.52
CA VAL D 11 9.00 -28.46 -18.56
C VAL D 11 8.38 -27.79 -19.76
N ALA D 12 9.13 -26.91 -20.42
CA ALA D 12 8.52 -26.03 -21.40
C ALA D 12 9.56 -25.43 -22.32
N GLU D 13 9.08 -24.63 -23.26
CA GLU D 13 9.89 -23.73 -24.07
C GLU D 13 9.04 -22.52 -24.44
N LYS D 14 9.70 -21.36 -24.58
CA LYS D 14 9.08 -20.11 -25.04
C LYS D 14 7.94 -19.66 -24.15
N THR D 15 8.16 -19.74 -22.85
CA THR D 15 7.06 -19.74 -21.89
C THR D 15 7.04 -18.52 -21.01
N LYS D 16 5.94 -17.79 -21.00
CA LYS D 16 6.00 -16.49 -20.31
C LYS D 16 5.97 -16.65 -18.80
N GLU D 17 5.15 -17.53 -18.24
CA GLU D 17 5.13 -17.66 -16.79
C GLU D 17 5.16 -19.13 -16.40
N GLN D 18 5.75 -19.42 -15.23
CA GLN D 18 5.87 -20.78 -14.71
C GLN D 18 5.79 -20.74 -13.20
N VAL D 19 5.04 -21.68 -12.64
CA VAL D 19 4.96 -21.85 -11.19
C VAL D 19 4.99 -23.35 -10.92
N THR D 20 5.82 -23.78 -9.99
CA THR D 20 5.81 -25.14 -9.49
C THR D 20 5.65 -25.08 -8.00
N ASN D 21 4.72 -25.84 -7.47
CA ASN D 21 4.47 -25.74 -6.05
C ASN D 21 4.27 -27.13 -5.50
N VAL D 22 4.79 -27.36 -4.30
CA VAL D 22 4.43 -28.45 -3.41
C VAL D 22 4.39 -27.81 -2.05
N GLY D 23 3.23 -27.69 -1.42
CA GLY D 23 3.22 -27.05 -0.12
C GLY D 23 1.87 -26.66 0.41
N GLY D 24 1.73 -25.41 0.86
CA GLY D 24 2.54 -24.28 0.42
C GLY D 24 1.78 -23.29 -0.44
N ALA D 25 2.35 -22.10 -0.62
CA ALA D 25 1.66 -21.03 -1.32
C ALA D 25 2.61 -20.31 -2.26
N VAL D 26 2.07 -19.88 -3.39
CA VAL D 26 2.79 -19.07 -4.36
C VAL D 26 1.83 -18.02 -4.87
N VAL D 27 2.21 -16.75 -4.76
CA VAL D 27 1.41 -15.65 -5.25
C VAL D 27 2.25 -14.88 -6.25
N THR D 28 1.82 -14.88 -7.50
CA THR D 28 2.55 -14.22 -8.55
C THR D 28 1.68 -13.24 -9.31
N GLY D 29 0.39 -13.19 -9.00
CA GLY D 29 -0.53 -12.40 -9.78
C GLY D 29 -0.98 -11.14 -9.10
N VAL D 30 -1.51 -10.24 -9.92
CA VAL D 30 -1.99 -8.94 -9.48
C VAL D 30 -3.20 -9.16 -8.58
N THR D 31 -3.25 -8.46 -7.47
CA THR D 31 -4.30 -8.71 -6.49
C THR D 31 -4.58 -7.43 -5.73
N ALA D 32 -5.84 -7.02 -5.68
CA ALA D 32 -6.21 -5.81 -4.97
C ALA D 32 -7.36 -6.14 -4.05
N VAL D 33 -7.18 -5.90 -2.76
CA VAL D 33 -8.25 -6.09 -1.81
C VAL D 33 -8.49 -4.78 -1.13
N ALA D 34 -9.71 -4.29 -1.19
CA ALA D 34 -10.09 -3.10 -0.46
C ALA D 34 -11.22 -3.50 0.47
N GLN D 35 -11.15 -3.10 1.71
CA GLN D 35 -12.03 -3.68 2.69
C GLN D 35 -12.26 -2.69 3.79
N LYS D 36 -13.45 -2.72 4.39
CA LYS D 36 -13.85 -1.66 5.30
C LYS D 36 -14.14 -2.14 6.71
N THR D 37 -14.65 -3.35 6.90
CA THR D 37 -14.93 -3.84 8.24
C THR D 37 -15.03 -5.35 8.20
N VAL D 38 -14.30 -6.03 9.07
CA VAL D 38 -14.36 -7.48 9.20
C VAL D 38 -14.70 -7.80 10.65
N GLU D 39 -15.73 -8.61 10.86
CA GLU D 39 -16.15 -9.00 12.19
C GLU D 39 -16.43 -10.49 12.17
N GLY D 40 -16.94 -11.00 13.28
CA GLY D 40 -17.36 -12.38 13.34
C GLY D 40 -16.23 -13.32 13.70
N ALA D 41 -16.59 -14.47 14.24
CA ALA D 41 -15.61 -15.39 14.82
C ALA D 41 -15.94 -16.83 14.44
N GLY D 42 -15.35 -17.31 13.35
CA GLY D 42 -14.39 -16.58 12.55
C GLY D 42 -14.61 -16.79 11.08
N SER D 43 -14.70 -15.70 10.34
CA SER D 43 -15.16 -15.71 8.96
C SER D 43 -14.02 -15.40 8.00
N ILE D 44 -13.83 -16.27 7.01
CA ILE D 44 -12.82 -16.02 6.01
C ILE D 44 -13.44 -14.94 5.14
N ALA D 45 -12.93 -13.72 5.27
CA ALA D 45 -13.48 -12.57 4.56
C ALA D 45 -13.23 -12.63 3.06
N ALA D 46 -11.99 -12.44 2.64
CA ALA D 46 -11.66 -12.45 1.23
C ALA D 46 -10.48 -13.39 0.98
N ALA D 47 -10.77 -14.60 0.52
CA ALA D 47 -9.73 -15.58 0.26
C ALA D 47 -9.58 -15.82 -1.23
N THR D 48 -8.36 -15.73 -1.74
CA THR D 48 -8.17 -15.98 -3.16
C THR D 48 -7.73 -17.40 -3.43
N GLY D 49 -6.58 -17.80 -2.92
CA GLY D 49 -6.15 -19.18 -3.05
C GLY D 49 -5.95 -19.72 -1.66
N PHE D 50 -6.66 -20.77 -1.29
CA PHE D 50 -6.83 -21.05 0.12
C PHE D 50 -6.95 -22.55 0.27
N VAL D 51 -6.42 -23.05 1.38
CA VAL D 51 -6.43 -24.47 1.69
C VAL D 51 -6.40 -24.61 3.21
N LYS D 52 -7.42 -25.26 3.76
CA LYS D 52 -7.49 -25.45 5.20
C LYS D 52 -7.70 -26.92 5.53
N LYS D 53 -6.67 -27.56 6.09
CA LYS D 53 -6.76 -28.97 6.44
C LYS D 53 -6.47 -29.20 7.92
N ASP D 54 -7.18 -28.50 8.78
CA ASP D 54 -7.00 -28.64 10.22
C ASP D 54 -7.34 -30.06 10.67
N GLN D 55 -6.59 -30.57 11.65
CA GLN D 55 -6.81 -31.90 12.17
C GLN D 55 -7.18 -31.89 13.64
N LYS E 1 -29.72 26.03 21.19
CA LYS E 1 -28.43 26.65 20.93
C LYS E 1 -28.52 27.57 19.73
N LYS E 2 -27.48 28.39 19.55
CA LYS E 2 -27.45 29.37 18.48
C LYS E 2 -26.05 29.43 17.89
N GLY E 3 -25.97 29.54 16.57
CA GLY E 3 -24.69 29.67 15.90
C GLY E 3 -24.79 30.45 14.62
N VAL E 4 -23.86 31.37 14.40
CA VAL E 4 -23.76 32.13 13.15
C VAL E 4 -22.32 32.07 12.69
N VAL E 5 -22.09 31.61 11.46
CA VAL E 5 -20.72 31.48 10.97
C VAL E 5 -20.61 32.28 9.68
N HIS E 6 -19.39 32.68 9.35
CA HIS E 6 -19.08 33.16 8.00
C HIS E 6 -18.49 32.06 7.13
N GLY E 7 -17.96 31.02 7.74
CA GLY E 7 -17.33 30.02 6.91
C GLY E 7 -15.87 30.33 6.67
N VAL E 8 -15.04 29.30 6.76
CA VAL E 8 -15.52 27.94 6.85
C VAL E 8 -15.48 27.43 8.30
N ALA E 9 -16.63 27.03 8.83
CA ALA E 9 -16.64 26.47 10.17
C ALA E 9 -16.72 24.95 10.11
N THR E 10 -16.61 24.33 11.28
CA THR E 10 -16.93 22.92 11.47
C THR E 10 -17.29 22.74 12.94
N VAL E 11 -18.57 22.69 13.25
CA VAL E 11 -19.04 22.76 14.63
C VAL E 11 -19.71 21.44 14.93
N ALA E 12 -19.48 20.91 16.14
CA ALA E 12 -19.88 19.54 16.40
C ALA E 12 -19.93 19.27 17.90
N GLU E 13 -20.30 18.03 18.22
CA GLU E 13 -20.17 17.47 19.55
C GLU E 13 -19.95 15.97 19.41
N LYS E 14 -19.19 15.38 20.35
CA LYS E 14 -18.96 13.94 20.46
C LYS E 14 -18.32 13.36 19.21
N THR E 15 -17.33 14.06 18.69
CA THR E 15 -16.90 13.87 17.32
C THR E 15 -15.50 13.29 17.21
N LYS E 16 -15.35 12.17 16.53
CA LYS E 16 -14.05 11.51 16.60
C LYS E 16 -12.99 12.22 15.75
N GLU E 17 -13.31 12.68 14.55
CA GLU E 17 -12.30 13.34 13.75
C GLU E 17 -12.87 14.62 13.14
N GLN E 18 -12.01 15.61 12.94
CA GLN E 18 -12.37 16.90 12.37
C GLN E 18 -11.24 17.45 11.55
N VAL E 19 -11.56 17.98 10.37
CA VAL E 19 -10.59 18.65 9.51
C VAL E 19 -11.28 19.89 8.96
N THR E 20 -10.60 21.02 9.03
CA THR E 20 -11.04 22.24 8.37
C THR E 20 -9.91 22.72 7.49
N ASN E 21 -10.21 22.99 6.25
CA ASN E 21 -9.13 23.36 5.34
C ASN E 21 -9.61 24.52 4.49
N VAL E 22 -8.68 25.45 4.23
CA VAL E 22 -8.76 26.43 3.17
C VAL E 22 -7.36 26.48 2.62
N GLY E 23 -7.13 26.03 1.40
CA GLY E 23 -5.76 26.07 0.92
C GLY E 23 -5.48 25.28 -0.33
N GLY E 24 -4.44 24.45 -0.30
CA GLY E 24 -3.87 23.86 0.90
C GLY E 24 -4.14 22.37 1.02
N ALA E 25 -3.42 21.70 1.92
CA ALA E 25 -3.49 20.26 2.03
C ALA E 25 -3.53 19.84 3.49
N VAL E 26 -4.27 18.78 3.76
CA VAL E 26 -4.34 18.17 5.07
C VAL E 26 -4.35 16.67 4.87
N VAL E 27 -3.41 15.97 5.50
CA VAL E 27 -3.34 14.52 5.42
C VAL E 27 -3.42 13.98 6.83
N THR E 28 -4.47 13.25 7.12
CA THR E 28 -4.69 12.73 8.46
C THR E 28 -4.92 11.22 8.42
N GLY E 29 -4.99 10.63 7.25
CA GLY E 29 -5.36 9.24 7.13
C GLY E 29 -4.22 8.34 6.78
N VAL E 30 -4.43 7.05 7.05
CA VAL E 30 -3.47 6.01 6.80
C VAL E 30 -3.24 5.88 5.31
N THR E 31 -1.98 5.78 4.90
CA THR E 31 -1.67 5.80 3.48
C THR E 31 -0.41 5.00 3.24
N ALA E 32 -0.46 4.06 2.32
CA ALA E 32 0.70 3.24 2.01
C ALA E 32 0.90 3.26 0.52
N VAL E 33 2.06 3.69 0.07
CA VAL E 33 2.38 3.66 -1.34
C VAL E 33 3.62 2.82 -1.49
N ALA E 34 3.54 1.79 -2.31
CA ALA E 34 4.70 0.99 -2.65
C ALA E 34 4.86 1.06 -4.14
N GLN E 35 6.07 1.30 -4.61
CA GLN E 35 6.22 1.67 -5.99
C GLN E 35 7.60 1.25 -6.46
N LYS E 36 7.71 0.88 -7.73
CA LYS E 36 8.93 0.24 -8.22
C LYS E 36 9.63 1.02 -9.31
N THR E 37 8.92 1.73 -10.16
CA THR E 37 9.57 2.49 -11.23
C THR E 37 8.62 3.55 -11.73
N VAL E 38 9.06 4.81 -11.79
CA VAL E 38 8.28 5.90 -12.33
C VAL E 38 9.10 6.55 -13.44
N GLU E 39 8.50 6.68 -14.60
CA GLU E 39 9.16 7.29 -15.75
C GLU E 39 8.19 8.26 -16.40
N GLY E 40 8.59 8.81 -17.53
CA GLY E 40 7.70 9.66 -18.30
C GLY E 40 7.72 11.10 -17.85
N ALA E 41 7.33 11.98 -18.76
CA ALA E 41 7.50 13.42 -18.54
C ALA E 41 6.27 14.17 -19.03
N GLY E 42 5.31 14.40 -18.13
CA GLY E 42 5.40 14.04 -16.73
C GLY E 42 4.09 13.50 -16.21
N SER E 43 4.16 12.33 -15.59
CA SER E 43 2.98 11.54 -15.26
C SER E 43 2.74 11.53 -13.76
N ILE E 44 1.54 11.88 -13.36
CA ILE E 44 1.17 11.83 -11.94
C ILE E 44 1.01 10.33 -11.69
N ALA E 45 1.96 9.74 -10.98
CA ALA E 45 1.97 8.31 -10.74
C ALA E 45 0.86 7.88 -9.78
N ALA E 46 0.99 8.22 -8.50
CA ALA E 46 -0.01 7.84 -7.51
C ALA E 46 -0.44 9.06 -6.71
N ALA E 47 -1.59 9.63 -7.06
CA ALA E 47 -2.08 10.81 -6.37
C ALA E 47 -3.31 10.47 -5.55
N THR E 48 -3.33 10.84 -4.29
CA THR E 48 -4.50 10.55 -3.48
C THR E 48 -5.44 11.75 -3.40
N GLY E 49 -4.98 12.86 -2.86
CA GLY E 49 -5.78 14.06 -2.85
C GLY E 49 -5.00 15.13 -3.56
N PHE E 50 -5.54 15.68 -4.62
CA PHE E 50 -4.68 16.36 -5.56
C PHE E 50 -5.48 17.49 -6.17
N VAL E 51 -4.81 18.60 -6.46
CA VAL E 51 -5.42 19.78 -7.05
C VAL E 51 -4.34 20.51 -7.84
N LYS E 52 -4.58 20.68 -9.14
CA LYS E 52 -3.62 21.37 -10.00
C LYS E 52 -4.30 22.48 -10.77
N LYS E 53 -3.99 23.73 -10.41
CA LYS E 53 -4.57 24.89 -11.07
C LYS E 53 -3.52 25.81 -11.66
N ASP E 54 -2.63 25.25 -12.47
CA ASP E 54 -1.58 26.03 -13.10
C ASP E 54 -2.17 27.10 -14.03
N GLN E 55 -1.54 28.26 -14.07
CA GLN E 55 -2.01 29.36 -14.90
C GLN E 55 -0.97 29.74 -15.96
N LYS F 1 25.08 -27.69 -24.25
CA LYS F 1 25.57 -27.52 -22.90
C LYS F 1 25.15 -28.70 -22.03
N LYS F 2 25.75 -28.80 -20.84
CA LYS F 2 25.48 -29.90 -19.94
C LYS F 2 25.43 -29.38 -18.52
N GLY F 3 24.50 -29.89 -17.73
CA GLY F 3 24.39 -29.51 -16.34
C GLY F 3 23.81 -30.62 -15.49
N VAL F 4 24.42 -30.87 -14.33
CA VAL F 4 23.90 -31.83 -13.36
C VAL F 4 23.90 -31.15 -12.00
N VAL F 5 22.75 -31.12 -11.33
CA VAL F 5 22.66 -30.44 -10.06
C VAL F 5 22.13 -31.43 -9.02
N HIS F 6 22.44 -31.17 -7.76
CA HIS F 6 21.75 -31.84 -6.66
C HIS F 6 20.61 -31.01 -6.11
N GLY F 7 20.63 -29.71 -6.35
CA GLY F 7 19.59 -28.91 -5.77
C GLY F 7 19.96 -28.42 -4.39
N VAL F 8 19.67 -27.15 -4.13
CA VAL F 8 18.83 -26.36 -5.00
C VAL F 8 19.68 -25.44 -5.90
N ALA F 9 19.56 -25.59 -7.21
CA ALA F 9 20.28 -24.69 -8.10
C ALA F 9 19.35 -23.62 -8.64
N THR F 10 19.93 -22.68 -9.37
CA THR F 10 19.18 -21.73 -10.20
C THR F 10 20.12 -21.26 -11.30
N VAL F 11 19.99 -21.83 -12.49
CA VAL F 11 20.97 -21.65 -13.55
C VAL F 11 20.28 -20.92 -14.68
N ALA F 12 20.97 -19.97 -15.30
CA ALA F 12 20.29 -19.06 -16.20
C ALA F 12 21.28 -18.35 -17.11
N GLU F 13 20.74 -17.52 -17.98
CA GLU F 13 21.48 -16.55 -18.75
C GLU F 13 20.57 -15.35 -19.01
N LYS F 14 21.18 -14.15 -19.10
CA LYS F 14 20.50 -12.90 -19.46
C LYS F 14 19.37 -12.56 -18.51
N THR F 15 19.63 -12.72 -17.22
CA THR F 15 18.57 -12.82 -16.23
C THR F 15 18.53 -11.65 -15.28
N LYS F 16 17.40 -10.97 -15.18
CA LYS F 16 17.43 -9.73 -14.41
C LYS F 16 17.47 -9.98 -12.91
N GLU F 17 16.71 -10.93 -12.39
CA GLU F 17 16.73 -11.16 -10.95
C GLU F 17 16.83 -12.65 -10.66
N GLN F 18 17.48 -12.99 -9.53
CA GLN F 18 17.68 -14.36 -9.10
C GLN F 18 17.65 -14.44 -7.59
N VAL F 19 16.95 -15.43 -7.06
CA VAL F 19 16.92 -15.70 -5.63
C VAL F 19 17.02 -17.21 -5.47
N THR F 20 17.90 -17.66 -4.58
CA THR F 20 17.97 -19.05 -4.18
C THR F 20 17.85 -19.10 -2.68
N ASN F 21 16.96 -19.93 -2.17
CA ASN F 21 16.77 -19.92 -0.74
C ASN F 21 16.64 -21.36 -0.27
N VAL F 22 17.21 -21.64 0.88
CA VAL F 22 16.92 -22.80 1.71
C VAL F 22 16.89 -22.25 3.11
N GLY F 23 15.76 -22.22 3.77
CA GLY F 23 15.78 -21.66 5.12
C GLY F 23 14.43 -21.36 5.73
N GLY F 24 14.26 -20.16 6.25
CA GLY F 24 15.00 -18.96 5.87
C GLY F 24 14.18 -17.95 5.10
N ALA F 25 14.69 -16.74 4.98
CA ALA F 25 13.93 -15.65 4.37
C ALA F 25 14.82 -14.83 3.45
N VAL F 26 14.22 -14.36 2.36
CA VAL F 26 14.88 -13.45 1.43
C VAL F 26 13.86 -12.41 1.01
N VAL F 27 14.20 -11.14 1.20
CA VAL F 27 13.34 -10.04 0.82
C VAL F 27 14.10 -9.18 -0.16
N THR F 28 13.63 -9.11 -1.39
CA THR F 28 14.30 -8.36 -2.42
C THR F 28 13.37 -7.38 -3.09
N GLY F 29 12.10 -7.39 -2.74
CA GLY F 29 11.11 -6.60 -3.43
C GLY F 29 10.64 -5.40 -2.66
N VAL F 30 10.05 -4.47 -3.40
CA VAL F 30 9.53 -3.23 -2.86
C VAL F 30 8.36 -3.55 -1.95
N THR F 31 8.32 -2.92 -0.78
CA THR F 31 7.32 -3.28 0.22
C THR F 31 7.01 -2.06 1.05
N ALA F 32 5.74 -1.71 1.18
CA ALA F 32 5.35 -0.57 1.97
C ALA F 32 4.25 -1.00 2.91
N VAL F 33 4.46 -0.84 4.20
CA VAL F 33 3.43 -1.15 5.17
C VAL F 33 3.16 0.12 5.95
N ALA F 34 1.92 0.56 5.95
CA ALA F 34 1.51 1.68 6.77
C ALA F 34 0.43 1.17 7.70
N GLN F 35 0.54 1.50 8.98
CA GLN F 35 -0.29 0.81 9.93
C GLN F 35 -0.53 1.73 11.12
N LYS F 36 -1.69 1.62 11.73
CA LYS F 36 -2.10 2.59 12.73
C LYS F 36 -2.31 2.01 14.11
N THR F 37 -2.76 0.77 14.23
CA THR F 37 -2.98 0.18 15.55
C THR F 37 -3.03 -1.33 15.42
N VAL F 38 -2.25 -2.03 16.22
CA VAL F 38 -2.24 -3.48 16.25
C VAL F 38 -2.52 -3.91 17.69
N GLU F 39 -3.51 -4.77 17.87
CA GLU F 39 -3.87 -5.26 19.19
C GLU F 39 -4.09 -6.75 19.08
N GLY F 40 -4.54 -7.36 20.17
CA GLY F 40 -4.91 -8.77 20.15
C GLY F 40 -3.72 -9.67 20.42
N ALA F 41 -4.02 -10.88 20.88
CA ALA F 41 -2.98 -11.78 21.39
C ALA F 41 -3.27 -13.20 20.92
N GLY F 42 -2.70 -13.60 19.77
CA GLY F 42 -1.79 -12.77 18.99
C GLY F 42 -2.06 -12.90 17.52
N SER F 43 -2.22 -11.76 16.86
CA SER F 43 -2.73 -11.71 15.50
C SER F 43 -1.63 -11.30 14.53
N ILE F 44 -1.44 -12.09 13.49
CA ILE F 44 -0.47 -11.74 12.45
C ILE F 44 -1.17 -10.62 11.69
N ALA F 45 -0.71 -9.40 11.88
CA ALA F 45 -1.33 -8.23 11.27
C ALA F 45 -1.13 -8.18 9.76
N ALA F 46 0.10 -7.91 9.31
CA ALA F 46 0.38 -7.82 7.89
C ALA F 46 1.58 -8.68 7.55
N ALA F 47 1.32 -9.88 7.01
CA ALA F 47 2.39 -10.79 6.67
C ALA F 47 2.51 -10.93 5.16
N THR F 48 3.71 -10.76 4.61
CA THR F 48 3.86 -10.91 3.18
C THR F 48 4.34 -12.29 2.80
N GLY F 49 5.53 -12.67 3.24
CA GLY F 49 6.00 -14.02 3.02
C GLY F 49 6.26 -14.64 4.37
N PHE F 50 5.61 -15.74 4.68
CA PHE F 50 5.50 -16.11 6.06
C PHE F 50 5.45 -17.62 6.13
N VAL F 51 6.05 -18.17 7.18
CA VAL F 51 6.10 -19.61 7.40
C VAL F 51 6.18 -19.85 8.90
N LYS F 52 5.21 -20.57 9.44
CA LYS F 52 5.19 -20.86 10.87
C LYS F 52 5.05 -22.36 11.12
N LYS F 53 6.12 -22.99 11.60
CA LYS F 53 6.11 -24.41 11.86
C LYS F 53 6.46 -24.73 13.30
N ASP F 54 5.75 -24.11 14.24
CA ASP F 54 5.99 -24.34 15.65
C ASP F 54 5.71 -25.80 16.03
N GLN F 55 6.52 -26.34 16.94
CA GLN F 55 6.36 -27.72 17.37
C GLN F 55 6.05 -27.80 18.85
N LYS G 1 21.19 -30.31 -25.70
CA LYS G 1 21.67 -30.13 -24.34
C LYS G 1 21.21 -31.28 -23.45
N LYS G 2 21.80 -31.36 -22.26
CA LYS G 2 21.50 -32.44 -21.33
C LYS G 2 21.45 -31.88 -19.92
N GLY G 3 20.49 -32.37 -19.15
CA GLY G 3 20.37 -31.96 -17.76
C GLY G 3 19.76 -33.03 -16.89
N VAL G 4 20.35 -33.27 -15.72
CA VAL G 4 19.81 -34.21 -14.74
C VAL G 4 19.81 -33.50 -13.40
N VAL G 5 18.64 -33.44 -12.75
CA VAL G 5 18.55 -32.73 -11.48
C VAL G 5 18.01 -33.70 -10.44
N HIS G 6 18.29 -33.41 -9.18
CA HIS G 6 17.58 -34.05 -8.07
C HIS G 6 16.44 -33.19 -7.56
N GLY G 7 16.48 -31.90 -7.83
CA GLY G 7 15.44 -31.07 -7.26
C GLY G 7 15.81 -30.56 -5.90
N VAL G 8 15.52 -29.28 -5.67
CA VAL G 8 14.70 -28.50 -6.58
C VAL G 8 15.59 -27.60 -7.48
N ALA G 9 15.48 -27.78 -8.78
CA ALA G 9 16.22 -26.91 -9.68
C ALA G 9 15.31 -25.84 -10.26
N THR G 10 15.92 -24.92 -11.00
CA THR G 10 15.19 -23.97 -11.86
C THR G 10 16.16 -23.55 -12.95
N VAL G 11 16.03 -24.14 -14.13
CA VAL G 11 17.03 -23.99 -15.17
C VAL G 11 16.36 -23.27 -16.34
N ALA G 12 17.08 -22.35 -16.97
CA ALA G 12 16.42 -21.45 -17.91
C ALA G 12 17.44 -20.78 -18.81
N GLU G 13 16.91 -19.95 -19.70
CA GLU G 13 17.68 -19.01 -20.49
C GLU G 13 16.80 -17.81 -20.79
N LYS G 14 17.42 -16.61 -20.89
CA LYS G 14 16.76 -15.36 -21.29
C LYS G 14 15.62 -14.99 -20.35
N THR G 15 15.86 -15.12 -19.06
CA THR G 15 14.80 -15.19 -18.09
C THR G 15 14.75 -14.00 -17.16
N LYS G 16 13.63 -13.30 -17.09
CA LYS G 16 13.67 -12.05 -16.35
C LYS G 16 13.68 -12.26 -14.84
N GLU G 17 12.90 -13.20 -14.30
CA GLU G 17 12.91 -13.39 -12.86
C GLU G 17 12.99 -14.88 -12.53
N GLN G 18 13.61 -15.20 -11.40
CA GLN G 18 13.77 -16.57 -10.93
C GLN G 18 13.73 -16.60 -9.43
N VAL G 19 13.01 -17.58 -8.89
CA VAL G 19 12.97 -17.82 -7.45
C VAL G 19 13.04 -19.33 -7.26
N THR G 20 13.90 -19.77 -6.35
CA THR G 20 13.94 -21.15 -5.92
C THR G 20 13.80 -21.16 -4.42
N ASN G 21 12.90 -21.96 -3.90
CA ASN G 21 12.68 -21.93 -2.47
C ASN G 21 12.53 -23.36 -1.98
N VAL G 22 13.08 -23.62 -0.81
CA VAL G 22 12.77 -24.76 0.03
C VAL G 22 12.73 -24.18 1.43
N GLY G 23 11.58 -24.12 2.07
CA GLY G 23 11.59 -23.54 3.40
C GLY G 23 10.24 -23.21 3.99
N GLY G 24 10.08 -21.98 4.48
CA GLY G 24 10.84 -20.82 4.09
C GLY G 24 10.04 -19.82 3.28
N ALA G 25 10.57 -18.60 3.14
CA ALA G 25 9.85 -17.52 2.51
C ALA G 25 10.75 -16.73 1.59
N VAL G 26 10.18 -16.27 0.48
CA VAL G 26 10.86 -15.39 -0.47
C VAL G 26 9.87 -14.35 -0.91
N VAL G 27 10.21 -13.08 -0.76
CA VAL G 27 9.37 -11.98 -1.18
C VAL G 27 10.17 -11.15 -2.16
N THR G 28 9.70 -11.10 -3.39
CA THR G 28 10.40 -10.39 -4.44
C THR G 28 9.49 -9.40 -5.13
N GLY G 29 8.21 -9.38 -4.80
CA GLY G 29 7.26 -8.60 -5.52
C GLY G 29 6.78 -7.37 -4.78
N VAL G 30 6.23 -6.45 -5.55
CA VAL G 30 5.70 -5.20 -5.04
C VAL G 30 4.51 -5.47 -4.14
N THR G 31 4.47 -4.83 -2.99
CA THR G 31 3.46 -5.15 -2.00
C THR G 31 3.15 -3.91 -1.19
N ALA G 32 1.88 -3.54 -1.09
CA ALA G 32 1.49 -2.37 -0.32
C ALA G 32 0.38 -2.77 0.60
N VAL G 33 0.58 -2.58 1.89
CA VAL G 33 -0.47 -2.85 2.85
C VAL G 33 -0.73 -1.57 3.60
N ALA G 34 -1.96 -1.12 3.58
CA ALA G 34 -2.37 0.03 4.38
C ALA G 34 -3.46 -0.44 5.30
N GLN G 35 -3.37 -0.09 6.56
CA GLN G 35 -4.22 -0.75 7.53
C GLN G 35 -4.46 0.20 8.69
N LYS G 36 -5.64 0.11 9.30
CA LYS G 36 -6.05 1.11 10.27
C LYS G 36 -6.29 0.57 11.66
N THR G 37 -6.76 -0.66 11.79
CA THR G 37 -7.00 -1.22 13.13
C THR G 37 -7.07 -2.73 13.02
N VAL G 38 -6.30 -3.43 13.84
CA VAL G 38 -6.33 -4.88 13.91
C VAL G 38 -6.63 -5.27 15.35
N GLU G 39 -7.62 -6.12 15.53
CA GLU G 39 -8.00 -6.57 16.86
C GLU G 39 -8.25 -8.07 16.78
N GLY G 40 -8.73 -8.64 17.88
CA GLY G 40 -9.11 -10.04 17.89
C GLY G 40 -7.94 -10.95 18.19
N ALA G 41 -8.27 -12.15 18.68
CA ALA G 41 -7.25 -13.06 19.20
C ALA G 41 -7.55 -14.48 18.76
N GLY G 42 -6.97 -14.90 17.63
CA GLY G 42 -6.04 -14.10 16.85
C GLY G 42 -6.29 -14.27 15.38
N SER G 43 -6.42 -13.15 14.69
CA SER G 43 -6.91 -13.11 13.33
C SER G 43 -5.80 -12.73 12.37
N ILE G 44 -5.60 -13.55 11.33
CA ILE G 44 -4.62 -13.24 10.31
C ILE G 44 -5.29 -12.13 9.51
N ALA G 45 -4.81 -10.90 9.68
CA ALA G 45 -5.41 -9.74 9.04
C ALA G 45 -5.19 -9.72 7.53
N ALA G 46 -3.96 -9.48 7.10
CA ALA G 46 -3.65 -9.43 5.68
C ALA G 46 -2.45 -10.32 5.37
N ALA G 47 -2.72 -11.51 4.86
CA ALA G 47 -1.66 -12.46 4.55
C ALA G 47 -1.53 -12.62 3.04
N THR G 48 -0.32 -12.48 2.51
CA THR G 48 -0.15 -12.66 1.08
C THR G 48 0.32 -14.06 0.73
N GLY G 49 1.49 -14.45 1.20
CA GLY G 49 1.95 -15.81 1.01
C GLY G 49 2.18 -16.40 2.38
N PHE G 50 1.51 -17.48 2.70
CA PHE G 50 1.38 -17.83 4.09
C PHE G 50 1.31 -19.33 4.19
N VAL G 51 1.88 -19.88 5.26
CA VAL G 51 1.91 -21.31 5.51
C VAL G 51 1.97 -21.51 7.02
N LYS G 52 0.99 -22.21 7.57
CA LYS G 52 0.94 -22.47 9.00
C LYS G 52 0.77 -23.96 9.27
N LYS G 53 1.83 -24.59 9.77
CA LYS G 53 1.79 -26.01 10.07
C LYS G 53 2.12 -26.31 11.53
N ASP G 54 1.41 -25.66 12.44
CA ASP G 54 1.62 -25.86 13.86
C ASP G 54 1.32 -27.30 14.26
N GLN G 55 2.11 -27.82 15.19
CA GLN G 55 1.93 -29.19 15.65
C GLN G 55 1.59 -29.24 17.14
N LYS H 1 28.96 -25.18 -22.74
CA LYS H 1 29.46 -25.03 -21.39
C LYS H 1 29.06 -26.23 -20.54
N LYS H 2 29.68 -26.34 -19.37
CA LYS H 2 29.43 -27.47 -18.48
C LYS H 2 29.40 -26.97 -17.05
N GLY H 3 28.47 -27.51 -16.26
CA GLY H 3 28.38 -27.17 -14.86
C GLY H 3 27.82 -28.30 -14.02
N VAL H 4 28.44 -28.56 -12.88
CA VAL H 4 27.96 -29.55 -11.92
C VAL H 4 27.96 -28.90 -10.55
N VAL H 5 26.82 -28.89 -9.88
CA VAL H 5 26.73 -28.24 -8.57
C VAL H 5 26.23 -29.27 -7.57
N HIS H 6 26.54 -29.03 -6.30
CA HIS H 6 25.88 -29.73 -5.21
C HIS H 6 24.73 -28.93 -4.62
N GLY H 7 24.73 -27.63 -4.84
CA GLY H 7 23.68 -26.85 -4.23
C GLY H 7 24.06 -26.38 -2.85
N VAL H 8 23.75 -25.12 -2.56
CA VAL H 8 22.90 -24.33 -3.41
C VAL H 8 23.72 -23.38 -4.30
N ALA H 9 23.59 -23.49 -5.60
CA ALA H 9 24.29 -22.58 -6.49
C ALA H 9 23.33 -21.51 -6.99
N THR H 10 23.90 -20.54 -7.72
CA THR H 10 23.13 -19.59 -8.51
C THR H 10 24.05 -19.08 -9.61
N VAL H 11 23.92 -19.62 -10.81
CA VAL H 11 24.89 -19.41 -11.87
C VAL H 11 24.17 -18.67 -12.98
N ALA H 12 24.84 -17.70 -13.59
CA ALA H 12 24.14 -16.78 -14.47
C ALA H 12 25.11 -16.04 -15.37
N GLU H 13 24.55 -15.19 -16.22
CA GLU H 13 25.27 -14.19 -16.99
C GLU H 13 24.35 -13.01 -17.20
N LYS H 14 24.93 -11.80 -17.27
CA LYS H 14 24.23 -10.54 -17.61
C LYS H 14 23.10 -10.25 -16.63
N THR H 15 23.38 -10.42 -15.35
CA THR H 15 22.34 -10.57 -14.36
C THR H 15 22.28 -9.42 -13.37
N LYS H 16 21.15 -8.75 -13.26
CA LYS H 16 21.17 -7.53 -12.46
C LYS H 16 21.22 -7.81 -10.96
N GLU H 17 20.49 -8.78 -10.45
CA GLU H 17 20.53 -9.04 -9.01
C GLU H 17 20.65 -10.53 -8.75
N GLN H 18 21.31 -10.88 -7.65
CA GLN H 18 21.53 -12.26 -7.24
C GLN H 18 21.52 -12.36 -5.74
N VAL H 19 20.85 -13.38 -5.22
CA VAL H 19 20.84 -13.69 -3.79
C VAL H 19 20.96 -15.19 -3.66
N THR H 20 21.85 -15.64 -2.80
CA THR H 20 21.94 -17.04 -2.43
C THR H 20 21.84 -17.13 -0.93
N ASN H 21 20.97 -17.97 -0.42
CA ASN H 21 20.80 -18.00 1.01
C ASN H 21 20.69 -19.46 1.44
N VAL H 22 21.27 -19.74 2.59
CA VAL H 22 21.01 -20.93 3.40
C VAL H 22 21.00 -20.41 4.81
N GLY H 23 19.86 -20.41 5.49
CA GLY H 23 19.88 -19.88 6.84
C GLY H 23 18.54 -19.61 7.47
N GLY H 24 18.35 -18.41 8.02
CA GLY H 24 19.07 -17.20 7.65
C GLY H 24 18.23 -16.20 6.91
N ALA H 25 18.73 -14.96 6.81
CA ALA H 25 17.95 -13.87 6.24
C ALA H 25 18.82 -13.03 5.32
N VAL H 26 18.20 -12.54 4.25
CA VAL H 26 18.83 -11.61 3.33
C VAL H 26 17.80 -10.57 2.95
N VAL H 27 18.12 -9.30 3.15
CA VAL H 27 17.24 -8.20 2.80
C VAL H 27 17.99 -7.31 1.84
N THR H 28 17.50 -7.23 0.62
CA THR H 28 18.15 -6.44 -0.42
C THR H 28 17.19 -5.46 -1.05
N GLY H 29 15.92 -5.50 -0.69
CA GLY H 29 14.92 -4.71 -1.36
C GLY H 29 14.44 -3.54 -0.55
N VAL H 30 13.83 -2.60 -1.27
CA VAL H 30 13.30 -1.38 -0.69
C VAL H 30 12.15 -1.73 0.22
N THR H 31 12.11 -1.14 1.40
CA THR H 31 11.12 -1.52 2.39
C THR H 31 10.80 -0.32 3.27
N ALA H 32 9.54 0.01 3.41
CA ALA H 32 9.13 1.12 4.23
C ALA H 32 8.05 0.66 5.17
N VAL H 33 8.27 0.80 6.46
CA VAL H 33 7.26 0.46 7.43
C VAL H 33 6.97 1.71 8.24
N ALA H 34 5.73 2.13 8.28
CA ALA H 34 5.31 3.22 9.11
C ALA H 34 4.25 2.68 10.05
N GLN H 35 4.37 2.99 11.32
CA GLN H 35 3.56 2.27 12.28
C GLN H 35 3.33 3.16 13.48
N LYS H 36 2.17 3.01 14.11
CA LYS H 36 1.75 3.97 15.13
C LYS H 36 1.56 3.35 16.51
N THR H 37 1.13 2.10 16.60
CA THR H 37 0.93 1.49 17.91
C THR H 37 0.91 -0.02 17.75
N VAL H 38 1.72 -0.73 18.53
CA VAL H 38 1.73 -2.18 18.53
C VAL H 38 1.48 -2.64 19.95
N GLU H 39 0.51 -3.51 20.13
CA GLU H 39 0.17 -4.04 21.44
C GLU H 39 -0.03 -5.54 21.31
N GLY H 40 -0.48 -6.17 22.39
CA GLY H 40 -0.82 -7.58 22.34
C GLY H 40 0.38 -8.47 22.58
N ALA H 41 0.10 -9.69 23.03
CA ALA H 41 1.15 -10.59 23.50
C ALA H 41 0.89 -12.01 23.00
N GLY H 42 1.45 -12.37 21.85
CA GLY H 42 2.34 -11.52 21.07
C GLY H 42 2.07 -11.62 19.60
N SER H 43 1.88 -10.48 18.96
CA SER H 43 1.36 -10.40 17.62
C SER H 43 2.44 -9.95 16.64
N ILE H 44 2.63 -10.72 15.57
CA ILE H 44 3.57 -10.33 14.55
C ILE H 44 2.86 -9.21 13.81
N ALA H 45 3.31 -7.98 14.01
CA ALA H 45 2.66 -6.81 13.43
C ALA H 45 2.85 -6.74 11.93
N ALA H 46 4.06 -6.43 11.48
CA ALA H 46 4.32 -6.31 10.05
C ALA H 46 5.54 -7.15 9.69
N ALA H 47 5.29 -8.34 9.13
CA ALA H 47 6.38 -9.23 8.75
C ALA H 47 6.48 -9.33 7.24
N THR H 48 7.66 -9.13 6.69
CA THR H 48 7.79 -9.25 5.24
C THR H 48 8.30 -10.62 4.83
N GLY H 49 9.49 -11.00 5.25
CA GLY H 49 9.98 -12.33 5.00
C GLY H 49 10.27 -12.97 6.33
N PHE H 50 9.64 -14.09 6.62
CA PHE H 50 9.54 -14.49 8.00
C PHE H 50 9.52 -16.00 8.04
N VAL H 51 10.12 -16.57 9.07
CA VAL H 51 10.20 -18.01 9.26
C VAL H 51 10.31 -18.29 10.75
N LYS H 52 9.34 -19.02 11.29
CA LYS H 52 9.35 -19.34 12.71
C LYS H 52 9.23 -20.85 12.94
N LYS H 53 10.31 -21.47 13.39
CA LYS H 53 10.32 -22.91 13.62
C LYS H 53 10.70 -23.24 15.06
N ASP H 54 9.98 -22.65 16.01
CA ASP H 54 10.24 -22.91 17.42
C ASP H 54 10.00 -24.37 17.76
N GLN H 55 10.81 -24.92 18.66
CA GLN H 55 10.69 -26.31 19.06
C GLN H 55 10.39 -26.43 20.55
N LYS I 1 -33.36 25.31 17.98
CA LYS I 1 -32.06 25.89 17.72
C LYS I 1 -32.12 26.79 16.49
N LYS I 2 -31.08 27.59 16.31
CA LYS I 2 -31.03 28.54 15.20
C LYS I 2 -29.62 28.56 14.63
N GLY I 3 -29.53 28.64 13.31
CA GLY I 3 -28.25 28.74 12.65
C GLY I 3 -28.33 29.48 11.34
N VAL I 4 -27.38 30.39 11.11
CA VAL I 4 -27.26 31.11 9.84
C VAL I 4 -25.83 31.02 9.39
N VAL I 5 -25.59 30.54 8.18
CA VAL I 5 -24.23 30.38 7.70
C VAL I 5 -24.09 31.14 6.39
N HIS I 6 -22.87 31.51 6.05
CA HIS I 6 -22.54 31.96 4.71
C HIS I 6 -21.95 30.84 3.87
N GLY I 7 -21.44 29.80 4.49
CA GLY I 7 -20.82 28.78 3.70
C GLY I 7 -19.35 29.06 3.46
N VAL I 8 -18.55 28.01 3.57
CA VAL I 8 -19.04 26.66 3.69
C VAL I 8 -19.02 26.19 5.16
N ALA I 9 -20.17 25.81 5.69
CA ALA I 9 -20.20 25.29 7.05
C ALA I 9 -20.30 23.77 7.02
N THR I 10 -20.21 23.18 8.21
CA THR I 10 -20.56 21.77 8.43
C THR I 10 -20.92 21.64 9.90
N VAL I 11 -22.21 21.61 10.20
CA VAL I 11 -22.69 21.72 11.56
C VAL I 11 -23.38 20.42 11.91
N ALA I 12 -23.17 19.92 13.12
CA ALA I 12 -23.59 18.56 13.42
C ALA I 12 -23.64 18.32 14.92
N GLU I 13 -24.03 17.11 15.27
CA GLU I 13 -23.92 16.57 16.61
C GLU I 13 -23.72 15.06 16.51
N LYS I 14 -22.97 14.50 17.47
CA LYS I 14 -22.76 13.04 17.62
C LYS I 14 -22.13 12.43 16.38
N THR I 15 -21.12 13.11 15.86
CA THR I 15 -20.68 12.87 14.49
C THR I 15 -19.30 12.27 14.40
N LYS I 16 -19.17 11.13 13.76
CA LYS I 16 -17.87 10.46 13.85
C LYS I 16 -16.80 11.13 13.00
N GLU I 17 -17.10 11.56 11.78
CA GLU I 17 -16.07 12.20 10.96
C GLU I 17 -16.62 13.46 10.33
N GLN I 18 -15.74 14.44 10.10
CA GLN I 18 -16.09 15.72 9.50
C GLN I 18 -14.93 16.23 8.67
N VAL I 19 -15.25 16.73 7.48
CA VAL I 19 -14.26 17.37 6.61
C VAL I 19 -14.93 18.61 6.04
N THR I 20 -14.23 19.73 6.07
CA THR I 20 -14.65 20.93 5.39
C THR I 20 -13.51 21.37 4.50
N ASN I 21 -13.80 21.63 3.24
CA ASN I 21 -12.71 21.96 2.34
C ASN I 21 -13.16 23.11 1.46
N VAL I 22 -12.22 24.02 1.19
CA VAL I 22 -12.28 24.97 0.10
C VAL I 22 -10.88 24.98 -0.44
N GLY I 23 -10.64 24.50 -1.65
CA GLY I 23 -9.27 24.52 -2.13
C GLY I 23 -8.99 23.69 -3.36
N GLY I 24 -7.96 22.84 -3.30
CA GLY I 24 -7.41 22.27 -2.08
C GLY I 24 -7.70 20.79 -1.91
N ALA I 25 -7.00 20.14 -1.00
CA ALA I 25 -7.10 18.71 -0.86
C ALA I 25 -7.14 18.32 0.61
N VAL I 26 -7.91 17.27 0.90
CA VAL I 26 -7.99 16.69 2.23
C VAL I 26 -8.03 15.19 2.07
N VAL I 27 -7.09 14.49 2.71
CA VAL I 27 -7.04 13.05 2.68
C VAL I 27 -7.14 12.53 4.09
N THR I 28 -8.21 11.83 4.40
CA THR I 28 -8.44 11.34 5.74
C THR I 28 -8.69 9.85 5.74
N GLY I 29 -8.76 9.23 4.58
CA GLY I 29 -9.15 7.84 4.50
C GLY I 29 -8.02 6.91 4.18
N VAL I 30 -8.25 5.64 4.47
CA VAL I 30 -7.30 4.57 4.26
C VAL I 30 -7.07 4.40 2.77
N THR I 31 -5.81 4.28 2.37
CA THR I 31 -5.48 4.27 0.96
C THR I 31 -4.23 3.45 0.74
N ALA I 32 -4.29 2.48 -0.15
CA ALA I 32 -3.14 1.63 -0.44
C ALA I 32 -2.93 1.61 -1.93
N VAL I 33 -1.76 2.01 -2.37
CA VAL I 33 -1.43 1.94 -3.79
C VAL I 33 -0.20 1.08 -3.92
N ALA I 34 -0.30 0.04 -4.70
CA ALA I 34 0.85 -0.79 -5.02
C ALA I 34 1.02 -0.75 -6.51
N GLN I 35 2.23 -0.54 -6.98
CA GLN I 35 2.41 -0.21 -8.36
C GLN I 35 3.78 -0.67 -8.81
N LYS I 36 3.90 -1.07 -10.07
CA LYS I 36 5.11 -1.73 -10.54
C LYS I 36 5.83 -0.98 -11.64
N THR I 37 5.13 -0.28 -12.51
CA THR I 37 5.80 0.44 -13.58
C THR I 37 4.86 1.50 -14.12
N VAL I 38 5.33 2.74 -14.21
CA VAL I 38 4.57 3.84 -14.78
C VAL I 38 5.40 4.44 -15.90
N GLU I 39 4.82 4.57 -17.08
CA GLU I 39 5.50 5.13 -18.23
C GLU I 39 4.54 6.09 -18.91
N GLY I 40 4.95 6.62 -20.05
CA GLY I 40 4.08 7.45 -20.85
C GLY I 40 4.12 8.91 -20.43
N ALA I 41 3.75 9.77 -21.37
CA ALA I 41 3.94 11.22 -21.18
C ALA I 41 2.71 11.97 -21.68
N GLY I 42 1.75 12.24 -20.80
CA GLY I 42 1.83 11.90 -19.39
C GLY I 42 0.51 11.40 -18.88
N SER I 43 0.56 10.24 -18.23
CA SER I 43 -0.62 9.48 -17.89
C SER I 43 -0.88 9.51 -16.39
N ILE I 44 -2.09 9.88 -16.00
CA ILE I 44 -2.45 9.86 -14.59
C ILE I 44 -2.64 8.39 -14.30
N ALA I 45 -1.70 7.80 -13.57
CA ALA I 45 -1.73 6.37 -13.29
C ALA I 45 -2.84 5.98 -12.33
N ALA I 46 -2.71 6.35 -11.06
CA ALA I 46 -3.73 6.01 -10.07
C ALA I 46 -4.14 7.25 -9.30
N ALA I 47 -5.28 7.82 -9.68
CA ALA I 47 -5.76 9.03 -9.03
C ALA I 47 -7.01 8.72 -8.20
N THR I 48 -7.02 9.13 -6.94
CA THR I 48 -8.20 8.88 -6.14
C THR I 48 -9.12 10.09 -6.09
N GLY I 49 -8.65 11.20 -5.57
CA GLY I 49 -9.44 12.42 -5.60
C GLY I 49 -8.63 13.45 -6.33
N PHE I 50 -9.16 13.99 -7.41
CA PHE I 50 -8.29 14.64 -8.36
C PHE I 50 -9.07 15.77 -9.00
N VAL I 51 -8.38 16.86 -9.31
CA VAL I 51 -8.96 18.02 -9.93
C VAL I 51 -7.88 18.73 -10.73
N LYS I 52 -8.10 18.87 -12.04
CA LYS I 52 -7.13 19.52 -12.90
C LYS I 52 -7.78 20.63 -13.71
N LYS I 53 -7.46 21.88 -13.37
CA LYS I 53 -8.03 23.03 -14.07
C LYS I 53 -6.95 23.92 -14.67
N ASP I 54 -6.07 23.33 -15.47
CA ASP I 54 -5.00 24.08 -16.11
C ASP I 54 -5.57 25.13 -17.06
N GLN I 55 -4.93 26.28 -17.13
CA GLN I 55 -5.37 27.37 -18.00
C GLN I 55 -4.32 27.71 -19.04
N LYS J 1 -26.10 26.87 24.33
CA LYS J 1 -24.81 27.51 24.07
C LYS J 1 -24.92 28.45 22.89
N LYS J 2 -23.89 29.29 22.72
CA LYS J 2 -23.89 30.29 21.66
C LYS J 2 -22.49 30.38 21.07
N GLY J 3 -22.42 30.52 19.76
CA GLY J 3 -21.15 30.68 19.08
C GLY J 3 -21.27 31.49 17.81
N VAL J 4 -20.35 32.43 17.60
CA VAL J 4 -20.28 33.21 16.38
C VAL J 4 -18.84 33.18 15.90
N VAL J 5 -18.61 32.76 14.66
CA VAL J 5 -17.25 32.65 14.15
C VAL J 5 -17.16 33.48 12.88
N HIS J 6 -15.95 33.90 12.55
CA HIS J 6 -15.66 34.42 11.21
C HIS J 6 -15.06 33.35 10.32
N GLY J 7 -14.51 32.31 10.89
CA GLY J 7 -13.88 31.34 10.03
C GLY J 7 -12.43 31.66 9.79
N VAL J 8 -11.58 30.64 9.84
CA VAL J 8 -12.03 29.26 9.91
C VAL J 8 -11.99 28.73 11.35
N ALA J 9 -13.12 28.30 11.88
CA ALA J 9 -13.11 27.71 13.20
C ALA J 9 -13.17 26.20 13.11
N THR J 10 -13.05 25.55 14.28
CA THR J 10 -13.36 24.13 14.43
C THR J 10 -13.69 23.91 15.89
N VAL J 11 -14.98 23.84 16.21
CA VAL J 11 -15.43 23.87 17.60
C VAL J 11 -16.08 22.54 17.88
N ALA J 12 -15.84 21.98 19.07
CA ALA J 12 -16.22 20.61 19.31
C ALA J 12 -16.25 20.30 20.80
N GLU J 13 -16.59 19.06 21.10
CA GLU J 13 -16.45 18.47 22.41
C GLU J 13 -16.21 16.97 22.23
N LYS J 14 -15.44 16.38 23.15
CA LYS J 14 -15.19 14.93 23.24
C LYS J 14 -14.56 14.39 21.96
N THR J 15 -13.57 15.10 21.46
CA THR J 15 -13.15 14.95 20.08
C THR J 15 -11.75 14.40 19.94
N LYS J 16 -11.60 13.29 19.23
CA LYS J 16 -10.29 12.64 19.28
C LYS J 16 -9.25 13.39 18.45
N GLU J 17 -9.58 13.87 17.26
CA GLU J 17 -8.58 14.57 16.46
C GLU J 17 -9.18 15.84 15.88
N GLN J 18 -8.32 16.86 15.70
CA GLN J 18 -8.71 18.15 15.16
C GLN J 18 -7.58 18.73 14.34
N VAL J 19 -7.93 19.27 13.18
CA VAL J 19 -6.98 19.98 12.33
C VAL J 19 -7.68 21.22 11.81
N THR J 20 -7.01 22.37 11.90
CA THR J 20 -7.47 23.58 11.27
C THR J 20 -6.36 24.09 10.38
N ASN J 21 -6.67 24.40 9.14
CA ASN J 21 -5.61 24.80 8.25
C ASN J 21 -6.11 25.98 7.42
N VAL J 22 -5.20 26.92 7.18
CA VAL J 22 -5.29 27.93 6.14
C VAL J 22 -3.91 28.00 5.57
N GLY J 23 -3.68 27.58 4.35
CA GLY J 23 -2.31 27.66 3.85
C GLY J 23 -2.03 26.90 2.58
N GLY J 24 -0.97 26.07 2.58
CA GLY J 24 -0.40 25.46 3.77
C GLY J 24 -0.64 23.97 3.86
N ALA J 25 0.09 23.30 4.74
CA ALA J 25 0.03 21.85 4.82
C ALA J 25 0.01 21.40 6.27
N VAL J 26 -0.71 20.32 6.52
CA VAL J 26 -0.76 19.67 7.83
C VAL J 26 -0.76 18.18 7.59
N VAL J 27 0.20 17.48 8.19
CA VAL J 27 0.29 16.03 8.08
C VAL J 27 0.23 15.47 9.48
N THR J 28 -0.81 14.71 9.76
CA THR J 28 -1.02 14.16 11.08
C THR J 28 -1.22 12.66 11.02
N GLY J 29 -1.30 12.08 9.83
CA GLY J 29 -1.65 10.70 9.69
C GLY J 29 -0.49 9.81 9.32
N VAL J 30 -0.70 8.53 9.56
CA VAL J 30 0.28 7.50 9.27
C VAL J 30 0.50 7.40 7.77
N THR J 31 1.75 7.34 7.36
CA THR J 31 2.05 7.39 5.94
C THR J 31 3.33 6.61 5.67
N ALA J 32 3.27 5.68 4.72
CA ALA J 32 4.44 4.89 4.39
C ALA J 32 4.63 4.94 2.89
N VAL J 33 5.77 5.40 2.45
CA VAL J 33 6.08 5.39 1.03
C VAL J 33 7.33 4.58 0.84
N ALA J 34 7.26 3.56 0.02
CA ALA J 34 8.42 2.78 -0.36
C ALA J 34 8.56 2.90 -1.85
N GLN J 35 9.77 3.16 -2.32
CA GLN J 35 9.90 3.56 -3.70
C GLN J 35 11.29 3.16 -4.18
N LYS J 36 11.39 2.82 -5.46
CA LYS J 36 12.61 2.22 -5.97
C LYS J 36 13.30 3.03 -7.05
N THR J 37 12.56 3.75 -7.88
CA THR J 37 13.20 4.54 -8.93
C THR J 37 12.23 5.60 -9.42
N VAL J 38 12.66 6.85 -9.44
CA VAL J 38 11.86 7.96 -9.96
C VAL J 38 12.66 8.63 -11.05
N GLU J 39 12.05 8.79 -12.22
CA GLU J 39 12.69 9.43 -13.34
C GLU J 39 11.71 10.40 -13.97
N GLY J 40 12.09 10.98 -15.09
CA GLY J 40 11.18 11.83 -15.84
C GLY J 40 11.19 13.26 -15.35
N ALA J 41 10.79 14.17 -16.24
CA ALA J 41 10.94 15.60 -15.99
C ALA J 41 9.69 16.35 -16.45
N GLY J 42 8.74 16.55 -15.54
CA GLY J 42 8.84 16.15 -14.14
C GLY J 42 7.54 15.58 -13.63
N SER J 43 7.63 14.41 -13.04
CA SER J 43 6.48 13.60 -12.72
C SER J 43 6.25 13.55 -11.21
N ILE J 44 5.03 13.88 -10.79
CA ILE J 44 4.69 13.78 -9.38
C ILE J 44 4.54 12.28 -9.15
N ALA J 45 5.50 11.69 -8.47
CA ALA J 45 5.53 10.24 -8.25
C ALA J 45 4.43 9.79 -7.30
N ALA J 46 4.57 10.10 -6.02
CA ALA J 46 3.59 9.68 -5.03
C ALA J 46 3.15 10.88 -4.19
N ALA J 47 1.99 11.44 -4.52
CA ALA J 47 1.49 12.60 -3.81
C ALA J 47 0.27 12.23 -2.98
N THR J 48 0.26 12.57 -1.71
CA THR J 48 -0.90 12.25 -0.90
C THR J 48 -1.85 13.43 -0.78
N GLY J 49 -1.41 14.53 -0.21
CA GLY J 49 -2.21 15.74 -0.17
C GLY J 49 -1.45 16.82 -0.88
N PHE J 50 -2.01 17.39 -1.92
CA PHE J 50 -1.17 18.10 -2.85
C PHE J 50 -1.99 19.24 -3.43
N VAL J 51 -1.33 20.36 -3.69
CA VAL J 51 -1.96 21.55 -4.25
C VAL J 51 -0.90 22.31 -5.04
N LYS J 52 -1.14 22.50 -6.32
CA LYS J 52 -0.21 23.22 -7.17
C LYS J 52 -0.91 24.35 -7.93
N LYS J 53 -0.61 25.58 -7.53
CA LYS J 53 -1.22 26.74 -8.16
C LYS J 53 -0.18 27.70 -8.75
N ASP J 54 0.71 27.16 -9.57
CA ASP J 54 1.75 27.98 -10.21
C ASP J 54 1.14 29.04 -11.10
N GLN J 55 1.76 30.22 -11.12
CA GLN J 55 1.27 31.34 -11.92
C GLN J 55 2.29 31.75 -12.97
N LYS K 1 32.87 -22.96 -20.83
CA LYS K 1 33.37 -22.83 -19.47
C LYS K 1 32.99 -24.04 -18.64
N LYS K 2 33.61 -24.17 -17.48
CA LYS K 2 33.38 -25.31 -16.59
C LYS K 2 33.34 -24.83 -15.15
N GLY K 3 32.43 -25.39 -14.38
CA GLY K 3 32.33 -25.06 -12.97
C GLY K 3 31.79 -26.20 -12.14
N VAL K 4 32.42 -26.49 -11.01
CA VAL K 4 31.95 -27.49 -10.07
C VAL K 4 31.94 -26.85 -8.68
N VAL K 5 30.80 -26.87 -8.01
CA VAL K 5 30.72 -26.24 -6.70
C VAL K 5 30.23 -27.28 -5.70
N HIS K 6 30.54 -27.05 -4.42
CA HIS K 6 29.89 -27.78 -3.35
C HIS K 6 28.74 -26.98 -2.74
N GLY K 7 28.73 -25.69 -2.95
CA GLY K 7 27.67 -24.93 -2.32
C GLY K 7 28.05 -24.47 -0.93
N VAL K 8 27.73 -23.22 -0.63
CA VAL K 8 26.86 -22.42 -1.47
C VAL K 8 27.69 -21.46 -2.35
N ALA K 9 27.54 -21.56 -3.65
CA ALA K 9 28.23 -20.62 -4.52
C ALA K 9 27.27 -19.55 -5.01
N THR K 10 27.82 -18.56 -5.72
CA THR K 10 27.04 -17.62 -6.51
C THR K 10 27.95 -17.09 -7.60
N VAL K 11 27.82 -17.61 -8.80
CA VAL K 11 28.78 -17.38 -9.87
C VAL K 11 28.06 -16.63 -10.97
N ALA K 12 28.73 -15.64 -11.57
CA ALA K 12 28.01 -14.71 -12.44
C ALA K 12 28.97 -13.95 -13.33
N GLU K 13 28.39 -13.10 -14.15
CA GLU K 13 29.10 -12.09 -14.91
C GLU K 13 28.17 -10.91 -15.11
N LYS K 14 28.74 -9.70 -15.17
CA LYS K 14 28.03 -8.44 -15.49
C LYS K 14 26.90 -8.16 -14.50
N THR K 15 27.19 -8.36 -13.22
CA THR K 15 26.15 -8.52 -12.23
C THR K 15 26.10 -7.39 -11.23
N LYS K 16 24.95 -6.73 -11.10
CA LYS K 16 24.97 -5.52 -10.29
C LYS K 16 25.03 -5.82 -8.79
N GLU K 17 24.30 -6.81 -8.29
CA GLU K 17 24.35 -7.08 -6.86
C GLU K 17 24.49 -8.57 -6.63
N GLN K 18 25.15 -8.93 -5.52
CA GLN K 18 25.39 -10.32 -5.13
C GLN K 18 25.38 -10.44 -3.64
N VAL K 19 24.71 -11.46 -3.13
CA VAL K 19 24.72 -11.80 -1.70
C VAL K 19 24.85 -13.31 -1.60
N THR K 20 25.75 -13.76 -0.74
CA THR K 20 25.85 -15.16 -0.39
C THR K 20 25.77 -15.26 1.12
N ASN K 21 24.90 -16.12 1.60
CA ASN K 21 24.72 -16.18 3.05
C ASN K 21 24.63 -17.63 3.46
N VAL K 22 25.23 -17.93 4.61
CA VAL K 22 24.98 -19.13 5.38
C VAL K 22 24.96 -18.63 6.81
N GLY K 23 23.83 -18.64 7.49
CA GLY K 23 23.85 -18.13 8.86
C GLY K 23 22.51 -17.88 9.49
N GLY K 24 22.33 -16.69 10.05
CA GLY K 24 23.02 -15.48 9.70
C GLY K 24 22.18 -14.46 8.98
N ALA K 25 22.66 -13.23 8.88
CA ALA K 25 21.87 -12.14 8.33
C ALA K 25 22.73 -11.28 7.43
N VAL K 26 22.11 -10.78 6.37
CA VAL K 26 22.72 -9.83 5.45
C VAL K 26 21.67 -8.79 5.09
N VAL K 27 21.99 -7.52 5.31
CA VAL K 27 21.10 -6.43 4.97
C VAL K 27 21.83 -5.51 4.02
N THR K 28 21.34 -5.42 2.80
CA THR K 28 21.98 -4.63 1.78
C THR K 28 21.01 -3.64 1.17
N GLY K 29 19.74 -3.69 1.53
CA GLY K 29 18.73 -2.90 0.87
C GLY K 29 18.25 -1.74 1.70
N VAL K 30 17.63 -0.80 0.99
CA VAL K 30 17.09 0.41 1.59
C VAL K 30 15.93 0.04 2.50
N THR K 31 15.90 0.62 3.68
CA THR K 31 14.92 0.21 4.68
C THR K 31 14.60 1.40 5.57
N ALA K 32 13.33 1.71 5.72
CA ALA K 32 12.91 2.81 6.56
C ALA K 32 11.84 2.33 7.49
N VAL K 33 12.06 2.45 8.79
CA VAL K 33 11.06 2.09 9.77
C VAL K 33 10.78 3.32 10.58
N ALA K 34 9.53 3.73 10.63
CA ALA K 34 9.10 4.81 11.48
C ALA K 34 8.05 4.25 12.41
N GLN K 35 8.16 4.54 13.69
CA GLN K 35 7.37 3.80 14.64
C GLN K 35 7.12 4.68 15.85
N LYS K 36 5.97 4.51 16.49
CA LYS K 36 5.56 5.45 17.52
C LYS K 36 5.37 4.81 18.88
N THR K 37 4.95 3.56 18.97
CA THR K 37 4.77 2.92 20.27
C THR K 37 4.76 1.41 20.08
N VAL K 38 5.56 0.70 20.85
CA VAL K 38 5.59 -0.75 20.84
C VAL K 38 5.35 -1.22 22.26
N GLU K 39 4.38 -2.12 22.43
CA GLU K 39 4.05 -2.65 23.73
C GLU K 39 3.86 -4.15 23.58
N GLY K 40 3.44 -4.81 24.65
CA GLY K 40 3.12 -6.21 24.59
C GLY K 40 4.31 -7.10 24.81
N ALA K 41 4.05 -8.33 25.24
CA ALA K 41 5.11 -9.22 25.70
C ALA K 41 4.86 -10.64 25.18
N GLY K 42 5.42 -10.98 24.02
CA GLY K 42 6.29 -10.11 23.26
C GLY K 42 6.02 -10.20 21.78
N SER K 43 5.82 -9.04 21.16
CA SER K 43 5.29 -8.95 19.82
C SER K 43 6.35 -8.49 18.85
N ILE K 44 6.56 -9.23 17.77
CA ILE K 44 7.50 -8.82 16.74
C ILE K 44 6.77 -7.70 16.02
N ALA K 45 7.20 -6.47 16.24
CA ALA K 45 6.54 -5.29 15.68
C ALA K 45 6.72 -5.20 14.17
N ALA K 46 7.94 -4.88 13.72
CA ALA K 46 8.19 -4.74 12.29
C ALA K 46 9.42 -5.56 11.91
N ALA K 47 9.17 -6.74 11.34
CA ALA K 47 10.26 -7.62 10.94
C ALA K 47 10.35 -7.70 9.43
N THR K 48 11.54 -7.49 8.88
CA THR K 48 11.67 -7.59 7.43
C THR K 48 12.18 -8.95 7.01
N GLY K 49 13.38 -9.32 7.42
CA GLY K 49 13.89 -10.65 7.14
C GLY K 49 14.18 -11.31 8.47
N PHE K 50 13.56 -12.43 8.75
CA PHE K 50 13.48 -12.85 10.13
C PHE K 50 13.46 -14.36 10.14
N VAL K 51 14.07 -14.94 11.16
CA VAL K 51 14.17 -16.38 11.33
C VAL K 51 14.28 -16.67 12.83
N LYS K 52 13.33 -17.43 13.36
CA LYS K 52 13.34 -17.76 14.77
C LYS K 52 13.23 -19.27 14.97
N LYS K 53 14.33 -19.89 15.41
CA LYS K 53 14.35 -21.32 15.63
C LYS K 53 14.73 -21.69 17.06
N ASP K 54 14.02 -21.11 18.02
CA ASP K 54 14.28 -21.38 19.43
C ASP K 54 14.04 -22.85 19.75
N GLN K 55 14.87 -23.40 20.63
CA GLN K 55 14.76 -24.80 21.01
C GLN K 55 14.46 -24.94 22.50
N LYS L 1 -22.31 28.07 27.16
CA LYS L 1 -21.03 28.72 26.90
C LYS L 1 -21.16 29.69 25.73
N LYS L 2 -20.14 30.54 25.57
CA LYS L 2 -20.15 31.55 24.52
C LYS L 2 -18.76 31.65 23.93
N GLY L 3 -18.70 31.81 22.61
CA GLY L 3 -17.43 31.99 21.92
C GLY L 3 -17.58 32.81 20.67
N VAL L 4 -16.67 33.76 20.47
CA VAL L 4 -16.61 34.56 19.24
C VAL L 4 -15.17 34.54 18.76
N VAL L 5 -14.95 34.14 17.52
CA VAL L 5 -13.59 34.06 16.99
C VAL L 5 -13.52 34.89 15.73
N HIS L 6 -12.31 35.33 15.39
CA HIS L 6 -12.03 35.86 14.07
C HIS L 6 -11.43 34.81 13.15
N GLY L 7 -10.87 33.76 13.71
CA GLY L 7 -10.23 32.80 12.84
C GLY L 7 -8.78 33.15 12.58
N VAL L 8 -7.94 32.12 12.62
CA VAL L 8 -8.38 30.75 12.67
C VAL L 8 -8.32 30.20 14.11
N ALA L 9 -9.44 29.75 14.64
CA ALA L 9 -9.42 29.15 15.96
C ALA L 9 -9.47 27.64 15.85
N THR L 10 -9.34 26.98 17.00
CA THR L 10 -9.63 25.55 17.14
C THR L 10 -9.95 25.32 18.60
N VAL L 11 -11.23 25.23 18.93
CA VAL L 11 -11.68 25.24 20.31
C VAL L 11 -12.32 23.90 20.60
N ALA L 12 -12.07 23.33 21.78
CA ALA L 12 -12.43 21.95 22.00
C ALA L 12 -12.44 21.62 23.48
N GLU L 13 -12.78 20.37 23.77
CA GLU L 13 -12.62 19.76 25.08
C GLU L 13 -12.38 18.28 24.88
N LYS L 14 -11.59 17.68 25.79
CA LYS L 14 -11.34 16.22 25.85
C LYS L 14 -10.71 15.71 24.55
N THR L 15 -9.73 16.45 24.06
CA THR L 15 -9.32 16.32 22.67
C THR L 15 -7.92 15.76 22.51
N LYS L 16 -7.75 14.66 21.80
CA LYS L 16 -6.45 14.03 21.82
C LYS L 16 -5.41 14.79 20.99
N GLU L 17 -5.77 15.29 19.81
CA GLU L 17 -4.78 16.00 19.00
C GLU L 17 -5.38 17.28 18.46
N GLN L 18 -4.54 18.30 18.28
CA GLN L 18 -4.94 19.60 17.76
C GLN L 18 -3.83 20.19 16.94
N VAL L 19 -4.18 20.75 15.79
CA VAL L 19 -3.24 21.48 14.94
C VAL L 19 -3.96 22.72 14.44
N THR L 20 -3.30 23.86 14.53
CA THR L 20 -3.78 25.09 13.92
C THR L 20 -2.67 25.62 13.04
N ASN L 21 -2.99 25.94 11.81
CA ASN L 21 -1.94 26.37 10.90
C ASN L 21 -2.45 27.54 10.09
N VAL L 22 -1.55 28.49 9.86
CA VAL L 22 -1.67 29.51 8.83
C VAL L 22 -0.28 29.60 8.27
N GLY L 23 -0.05 29.19 7.02
CA GLY L 23 1.30 29.28 6.51
C GLY L 23 1.59 28.53 5.23
N GLY L 24 2.64 27.73 5.22
CA GLY L 24 3.23 27.10 6.40
C GLY L 24 3.00 25.61 6.47
N ALA L 25 3.75 24.93 7.34
CA ALA L 25 3.69 23.48 7.40
C ALA L 25 3.69 23.02 8.85
N VAL L 26 2.98 21.93 9.09
CA VAL L 26 2.94 21.26 10.39
C VAL L 26 2.96 19.77 10.13
N VAL L 27 3.93 19.08 10.71
CA VAL L 27 4.03 17.63 10.59
C VAL L 27 3.97 17.04 11.98
N THR L 28 2.94 16.29 12.26
CA THR L 28 2.76 15.71 13.58
C THR L 28 2.55 14.20 13.49
N GLY L 29 2.47 13.65 12.30
CA GLY L 29 2.13 12.26 12.14
C GLY L 29 3.30 11.39 11.75
N VAL L 30 3.10 10.10 11.98
CA VAL L 30 4.09 9.08 11.67
C VAL L 30 4.29 9.01 10.18
N THR L 31 5.54 8.95 9.75
CA THR L 31 5.84 9.03 8.32
C THR L 31 7.10 8.26 8.03
N ALA L 32 7.05 7.34 7.08
CA ALA L 32 8.22 6.57 6.72
C ALA L 32 8.40 6.64 5.23
N VAL L 33 9.54 7.10 4.79
CA VAL L 33 9.84 7.13 3.37
C VAL L 33 11.09 6.31 3.17
N ALA L 34 11.02 5.31 2.32
CA ALA L 34 12.18 4.54 1.92
C ALA L 34 12.31 4.68 0.44
N GLN L 35 13.50 4.96 -0.04
CA GLN L 35 13.63 5.38 -1.42
C GLN L 35 15.02 4.99 -1.92
N LYS L 36 15.11 4.67 -3.20
CA LYS L 36 16.33 4.07 -3.72
C LYS L 36 17.01 4.90 -4.80
N THR L 37 16.26 5.63 -5.62
CA THR L 37 16.88 6.44 -6.66
C THR L 37 15.90 7.50 -7.12
N VAL L 38 16.32 8.76 -7.14
CA VAL L 38 15.51 9.86 -7.64
C VAL L 38 16.30 10.55 -8.73
N GLU L 39 15.67 10.73 -9.89
CA GLU L 39 16.31 11.39 -11.01
C GLU L 39 15.31 12.35 -11.61
N GLY L 40 15.67 12.95 -12.73
CA GLY L 40 14.76 13.80 -13.46
C GLY L 40 14.76 15.23 -12.97
N ALA L 41 14.34 16.14 -13.83
CA ALA L 41 14.49 17.57 -13.56
C ALA L 41 13.23 18.31 -14.01
N GLY L 42 12.28 18.49 -13.08
CA GLY L 42 12.40 18.08 -11.69
C GLY L 42 11.11 17.49 -11.19
N SER L 43 11.21 16.31 -10.60
CA SER L 43 10.06 15.49 -10.28
C SER L 43 9.84 15.42 -8.78
N ILE L 44 8.64 15.74 -8.34
CA ILE L 44 8.30 15.62 -6.93
C ILE L 44 8.16 14.12 -6.73
N ALA L 45 9.14 13.52 -6.05
CA ALA L 45 9.18 12.08 -5.86
C ALA L 45 8.09 11.60 -4.90
N ALA L 46 8.24 11.90 -3.61
CA ALA L 46 7.27 11.47 -2.62
C ALA L 46 6.83 12.65 -1.77
N ALA L 47 5.67 13.21 -2.08
CA ALA L 47 5.15 14.35 -1.35
C ALA L 47 3.95 13.97 -0.52
N THR L 48 3.94 14.29 0.76
CA THR L 48 2.79 13.95 1.58
C THR L 48 1.83 15.12 1.71
N GLY L 49 2.28 16.23 2.29
CA GLY L 49 1.45 17.41 2.35
C GLY L 49 2.20 18.51 1.65
N PHE L 50 1.64 19.10 0.63
CA PHE L 50 2.46 19.83 -0.30
C PHE L 50 1.63 20.96 -0.87
N VAL L 51 2.28 22.09 -1.12
CA VAL L 51 1.64 23.28 -1.66
C VAL L 51 2.68 24.06 -2.44
N LYS L 52 2.42 24.26 -3.73
CA LYS L 52 3.36 25.00 -4.58
C LYS L 52 2.64 26.13 -5.31
N LYS L 53 2.94 27.37 -4.90
CA LYS L 53 2.31 28.53 -5.51
C LYS L 53 3.35 29.50 -6.09
N ASP L 54 4.23 28.98 -6.94
CA ASP L 54 5.26 29.81 -7.56
C ASP L 54 4.63 30.89 -8.43
N GLN L 55 5.23 32.07 -8.44
CA GLN L 55 4.74 33.18 -9.23
C GLN L 55 5.75 33.62 -10.28
#